data_4YWS
#
_entry.id   4YWS
#
_cell.length_a   146.319
_cell.length_b   146.319
_cell.length_c   102.989
_cell.angle_alpha   90.00
_cell.angle_beta   90.00
_cell.angle_gamma   90.00
#
_symmetry.space_group_name_H-M   'I 4'
#
loop_
_entity.id
_entity.type
_entity.pdbx_description
1 polymer Enolase
2 non-polymer 'MAGNESIUM ION'
3 water water
#
_entity_poly.entity_id   1
_entity_poly.type   'polypeptide(L)'
_entity_poly.pdbx_seq_one_letter_code
;MSTLIEAIVAREVLDSRGNPTIEVDVRLESGDVGRAIVPSGASTGAHEALELRDGDKSRYNGKGVLKAVQAVNEDIAEAL
IGFDAADQIALDQELIALDGTPNKSKLGANAILGVSLAAAKAAAAAFGLPLYRYLGGVYAHVLPVPMMNIMNGGQHATNS
TDFQEFMIMPVGAESFREGLRWGAEIYHMLKKVIHDRGFSTTVGDEGGFAPSLPTNDAPLQLIMEAIEKAGYRPGEQIVI
ALDPATTEIFEDGKYHLKREGRSLSSAEMVDYWVDLVNRYPIISLEDGLAEDDWEGWALLRAKLGDRVQLVGDDFLVTNV
QRLQRAIEAKAANSILIKLNQIGSLTETLSAIQLAQRSGWTAVVSHRSGESEDVTIADLVVATNAGQIKTGAPARTDRIA
KYNQLLRIEEELGSAARYAGRSAFKV
;
_entity_poly.pdbx_strand_id   A,B
#
# COMPACT_ATOMS: atom_id res chain seq x y z
N SER A 2 6.17 32.17 -10.50
CA SER A 2 4.97 31.45 -10.02
C SER A 2 5.09 29.93 -10.10
N THR A 3 5.42 29.39 -11.29
CA THR A 3 5.76 27.95 -11.40
C THR A 3 7.30 27.78 -11.21
N LEU A 4 7.98 28.86 -10.78
CA LEU A 4 9.42 28.89 -10.51
C LEU A 4 9.67 28.15 -9.21
N ILE A 5 10.62 27.22 -9.21
CA ILE A 5 10.95 26.44 -7.99
C ILE A 5 11.52 27.37 -6.89
N GLU A 6 11.01 27.21 -5.69
CA GLU A 6 11.38 27.99 -4.52
C GLU A 6 12.09 27.08 -3.49
N ALA A 7 11.75 25.78 -3.45
CA ALA A 7 12.36 24.82 -2.52
C ALA A 7 12.25 23.40 -3.04
N ILE A 8 13.29 22.61 -2.76
CA ILE A 8 13.39 21.19 -3.08
C ILE A 8 13.88 20.49 -1.83
N VAL A 9 13.09 19.57 -1.32
CA VAL A 9 13.42 18.86 -0.10
C VAL A 9 13.15 17.36 -0.29
N ALA A 10 14.05 16.52 0.27
CA ALA A 10 13.90 15.07 0.20
C ALA A 10 14.01 14.45 1.57
N ARG A 11 13.45 13.27 1.72
CA ARG A 11 13.49 12.58 3.00
C ARG A 11 13.59 11.08 2.72
N GLU A 12 13.97 10.32 3.74
CA GLU A 12 14.06 8.88 3.68
C GLU A 12 12.77 8.32 4.29
N VAL A 13 12.02 7.60 3.47
CA VAL A 13 10.78 6.93 3.86
C VAL A 13 10.99 5.46 3.57
N LEU A 14 9.95 4.65 3.74
CA LEU A 14 10.02 3.22 3.47
C LEU A 14 9.17 2.85 2.29
N ASP A 15 9.55 1.77 1.57
CA ASP A 15 8.79 1.23 0.45
C ASP A 15 7.88 0.08 0.89
N SER A 16 7.17 -0.55 -0.05
CA SER A 16 6.22 -1.62 0.24
C SER A 16 6.90 -2.88 0.82
N ARG A 17 8.21 -3.02 0.60
CA ARG A 17 8.98 -4.14 1.15
C ARG A 17 9.56 -3.79 2.53
N GLY A 18 9.45 -2.52 2.93
CA GLY A 18 9.97 -2.03 4.19
C GLY A 18 11.41 -1.58 4.09
N ASN A 19 11.87 -1.32 2.88
CA ASN A 19 13.24 -0.85 2.63
C ASN A 19 13.26 0.66 2.46
N PRO A 20 14.37 1.35 2.82
CA PRO A 20 14.41 2.81 2.61
C PRO A 20 14.24 3.20 1.16
N THR A 21 13.50 4.28 0.94
CA THR A 21 13.31 4.86 -0.35
C THR A 21 13.28 6.37 -0.21
N ILE A 22 13.56 7.11 -1.30
CA ILE A 22 13.56 8.56 -1.33
C ILE A 22 12.17 9.10 -1.73
N GLU A 23 11.74 10.14 -0.98
CA GLU A 23 10.54 10.93 -1.22
C GLU A 23 11.01 12.35 -1.43
N VAL A 24 10.61 12.94 -2.55
CA VAL A 24 11.00 14.31 -2.91
C VAL A 24 9.77 15.22 -2.94
N ASP A 25 9.88 16.42 -2.35
CA ASP A 25 8.88 17.50 -2.38
C ASP A 25 9.47 18.67 -3.14
N VAL A 26 8.78 19.14 -4.17
CA VAL A 26 9.17 20.34 -4.93
C VAL A 26 8.13 21.42 -4.65
N ARG A 27 8.57 22.56 -4.10
CA ARG A 27 7.68 23.69 -3.77
C ARG A 27 7.92 24.85 -4.75
N LEU A 28 6.82 25.36 -5.35
CA LEU A 28 6.89 26.49 -6.30
C LEU A 28 6.58 27.84 -5.66
N GLU A 29 6.91 28.93 -6.37
CA GLU A 29 6.60 30.28 -5.90
C GLU A 29 5.10 30.49 -5.63
N SER A 30 4.22 29.72 -6.34
CA SER A 30 2.76 29.74 -6.18
C SER A 30 2.28 29.15 -4.85
N GLY A 31 3.14 28.36 -4.17
CA GLY A 31 2.78 27.70 -2.91
C GLY A 31 2.47 26.23 -3.09
N ASP A 32 2.27 25.81 -4.37
CA ASP A 32 2.03 24.43 -4.75
C ASP A 32 3.26 23.55 -4.54
N VAL A 33 3.01 22.38 -3.99
CA VAL A 33 3.97 21.35 -3.63
C VAL A 33 3.60 20.08 -4.39
N GLY A 34 4.59 19.48 -5.03
CA GLY A 34 4.47 18.19 -5.70
C GLY A 34 5.29 17.23 -4.89
N ARG A 35 4.81 15.99 -4.71
CA ARG A 35 5.49 14.97 -3.92
C ARG A 35 5.61 13.67 -4.66
N ALA A 36 6.82 13.10 -4.70
CA ALA A 36 7.02 11.82 -5.37
C ALA A 36 7.89 10.86 -4.56
N ILE A 37 7.48 9.59 -4.53
CA ILE A 37 8.16 8.48 -3.86
C ILE A 37 8.74 7.66 -5.01
N VAL A 38 10.03 7.39 -4.98
CA VAL A 38 10.70 6.66 -6.05
C VAL A 38 10.71 5.17 -5.76
N PRO A 39 10.32 4.26 -6.69
CA PRO A 39 10.46 2.83 -6.40
C PRO A 39 11.96 2.48 -6.34
N SER A 40 12.43 2.05 -5.15
CA SER A 40 13.85 1.71 -4.97
C SER A 40 14.22 0.35 -5.62
N GLY A 41 15.49 0.19 -5.95
CA GLY A 41 16.02 -1.01 -6.59
C GLY A 41 16.40 -0.81 -8.05
N SER A 43 20.20 -0.72 -8.40
CA SER A 43 20.51 -1.40 -7.14
C SER A 43 21.89 -2.11 -7.13
N THR A 44 22.97 -1.31 -7.38
CA THR A 44 24.38 -1.72 -7.43
C THR A 44 24.60 -2.91 -8.42
N GLY A 45 24.31 -2.67 -9.69
CA GLY A 45 24.44 -3.66 -10.75
C GLY A 45 23.69 -3.36 -12.03
N ALA A 46 24.20 -3.95 -13.16
CA ALA A 46 23.72 -3.87 -14.55
C ALA A 46 23.86 -2.47 -15.21
N HIS A 47 24.01 -2.45 -16.55
CA HIS A 47 24.17 -1.21 -17.32
C HIS A 47 22.80 -0.57 -17.66
N GLU A 48 22.28 0.18 -16.66
CA GLU A 48 21.02 0.94 -16.64
C GLU A 48 21.18 2.10 -15.62
N ALA A 49 20.15 2.96 -15.45
CA ALA A 49 20.19 4.08 -14.50
C ALA A 49 20.33 3.54 -13.07
N LEU A 50 21.42 3.91 -12.38
CA LEU A 50 21.73 3.40 -11.04
C LEU A 50 21.27 4.30 -9.88
N GLU A 51 20.62 3.66 -8.87
CA GLU A 51 20.06 4.29 -7.66
C GLU A 51 21.10 4.27 -6.53
N LEU A 52 21.32 5.44 -5.92
CA LEU A 52 22.26 5.65 -4.82
C LEU A 52 21.80 5.02 -3.45
N ARG A 53 22.50 3.91 -3.01
CA ARG A 53 22.32 3.23 -1.71
C ARG A 53 23.51 3.57 -0.82
N ASP A 54 23.30 3.65 0.50
CA ASP A 54 24.34 4.13 1.40
C ASP A 54 25.50 3.18 1.70
N GLY A 55 25.23 1.89 1.83
CA GLY A 55 26.25 0.92 2.20
C GLY A 55 26.66 0.98 3.67
N ASP A 56 25.93 1.75 4.51
CA ASP A 56 26.18 1.84 5.95
C ASP A 56 25.40 0.69 6.57
N LYS A 57 26.12 -0.38 6.94
CA LYS A 57 25.57 -1.62 7.47
C LYS A 57 25.01 -1.46 8.88
N SER A 58 25.25 -0.31 9.55
CA SER A 58 24.64 -0.04 10.88
C SER A 58 23.21 0.55 10.78
N ARG A 59 22.71 0.75 9.52
CA ARG A 59 21.39 1.32 9.21
C ARG A 59 20.75 0.53 8.10
N TYR A 60 19.65 -0.16 8.37
CA TYR A 60 18.89 -0.90 7.35
C TYR A 60 19.73 -1.88 6.50
N ASN A 61 20.83 -2.40 7.07
CA ASN A 61 21.76 -3.34 6.43
C ASN A 61 22.37 -2.79 5.12
N GLY A 62 22.77 -1.52 5.16
CA GLY A 62 23.36 -0.82 4.01
C GLY A 62 22.41 -0.28 2.95
N LYS A 63 21.10 -0.56 3.12
CA LYS A 63 20.01 -0.15 2.22
C LYS A 63 19.50 1.31 2.42
N GLY A 64 20.15 2.08 3.31
CA GLY A 64 19.80 3.48 3.57
C GLY A 64 19.85 4.31 2.30
N VAL A 65 19.25 5.52 2.31
CA VAL A 65 19.18 6.36 1.11
C VAL A 65 19.51 7.85 1.44
N LEU A 66 20.28 8.07 2.53
CA LEU A 66 20.68 9.39 3.00
C LEU A 66 21.57 10.15 2.04
N LYS A 67 22.31 9.45 1.18
CA LYS A 67 23.20 10.10 0.21
C LYS A 67 22.37 10.67 -0.93
N ALA A 68 21.41 9.87 -1.46
CA ALA A 68 20.45 10.34 -2.49
C ALA A 68 19.64 11.53 -1.92
N VAL A 69 19.30 11.49 -0.60
CA VAL A 69 18.61 12.58 0.08
C VAL A 69 19.47 13.82 0.10
N GLN A 70 20.79 13.64 0.35
CA GLN A 70 21.76 14.75 0.40
C GLN A 70 21.99 15.37 -0.98
N ALA A 71 21.96 14.55 -2.04
CA ALA A 71 22.13 14.97 -3.42
C ALA A 71 20.95 15.88 -3.84
N VAL A 72 19.76 15.61 -3.30
CA VAL A 72 18.57 16.41 -3.56
C VAL A 72 18.60 17.71 -2.74
N ASN A 73 18.73 17.60 -1.39
CA ASN A 73 18.75 18.75 -0.48
C ASN A 73 19.85 19.77 -0.72
N GLU A 74 20.98 19.32 -1.21
CA GLU A 74 22.11 20.20 -1.47
C GLU A 74 22.30 20.46 -2.93
N ASP A 75 22.84 19.48 -3.66
CA ASP A 75 23.22 19.61 -5.07
C ASP A 75 22.10 20.06 -6.01
N ILE A 76 20.98 19.29 -6.10
CA ILE A 76 19.86 19.57 -6.98
C ILE A 76 19.14 20.88 -6.57
N ALA A 77 18.85 21.06 -5.26
CA ALA A 77 18.19 22.27 -4.77
C ALA A 77 18.97 23.54 -5.14
N GLU A 78 20.31 23.54 -4.94
CA GLU A 78 21.18 24.67 -5.26
C GLU A 78 21.14 24.97 -6.74
N ALA A 79 21.14 23.93 -7.58
CA ALA A 79 21.10 24.12 -9.02
C ALA A 79 19.72 24.48 -9.62
N LEU A 80 18.62 24.03 -8.98
CA LEU A 80 17.28 24.15 -9.54
C LEU A 80 16.39 25.19 -8.89
N ILE A 81 16.79 25.78 -7.77
CA ILE A 81 15.95 26.83 -7.22
C ILE A 81 15.98 28.03 -8.19
N GLY A 82 14.78 28.51 -8.56
CA GLY A 82 14.59 29.58 -9.53
C GLY A 82 14.27 29.07 -10.92
N PHE A 83 14.40 27.74 -11.14
CA PHE A 83 14.12 27.09 -12.43
C PHE A 83 12.62 26.96 -12.65
N ASP A 84 12.16 27.13 -13.90
CA ASP A 84 10.73 27.00 -14.18
C ASP A 84 10.36 25.50 -14.20
N ALA A 85 9.59 25.05 -13.22
CA ALA A 85 9.15 23.64 -13.12
C ALA A 85 8.21 23.19 -14.27
N ALA A 86 7.48 24.15 -14.90
CA ALA A 86 6.57 23.89 -16.04
C ALA A 86 7.34 23.50 -17.31
N ASP A 87 8.68 23.68 -17.32
CA ASP A 87 9.53 23.28 -18.44
C ASP A 87 10.17 21.93 -18.13
N GLN A 88 9.35 20.87 -18.32
CA GLN A 88 9.73 19.48 -18.00
C GLN A 88 11.02 19.06 -18.67
N ILE A 89 11.09 19.20 -20.00
CA ILE A 89 12.25 18.82 -20.80
C ILE A 89 13.49 19.56 -20.36
N ALA A 90 13.44 20.91 -20.24
CA ALA A 90 14.59 21.70 -19.80
C ALA A 90 15.04 21.26 -18.39
N LEU A 91 14.08 21.02 -17.46
CA LEU A 91 14.39 20.58 -16.09
C LEU A 91 15.17 19.26 -16.09
N ASP A 92 14.65 18.27 -16.82
CA ASP A 92 15.25 16.96 -16.95
C ASP A 92 16.61 17.00 -17.56
N GLN A 93 16.83 17.91 -18.54
CA GLN A 93 18.16 18.01 -19.15
C GLN A 93 19.12 18.78 -18.23
N GLU A 94 18.60 19.59 -17.27
CA GLU A 94 19.39 20.26 -16.25
C GLU A 94 19.84 19.22 -15.20
N LEU A 95 18.96 18.25 -14.87
CA LEU A 95 19.29 17.19 -13.92
C LEU A 95 20.34 16.25 -14.51
N ILE A 96 20.13 15.77 -15.75
CA ILE A 96 21.03 14.90 -16.50
C ILE A 96 22.45 15.53 -16.60
N ALA A 97 22.52 16.83 -16.93
CA ALA A 97 23.77 17.59 -17.03
C ALA A 97 24.43 17.81 -15.67
N LEU A 98 23.64 18.11 -14.62
CA LEU A 98 24.19 18.31 -13.28
C LEU A 98 24.90 17.02 -12.81
N ASP A 99 24.37 15.86 -13.22
CA ASP A 99 24.94 14.55 -12.89
C ASP A 99 26.26 14.30 -13.66
N GLY A 100 26.21 14.38 -15.00
CA GLY A 100 27.38 14.19 -15.85
C GLY A 100 27.73 12.76 -16.21
N THR A 101 27.07 11.77 -15.60
CA THR A 101 27.34 10.36 -15.86
C THR A 101 26.23 9.73 -16.73
N PRO A 102 26.57 8.82 -17.68
CA PRO A 102 25.52 8.23 -18.55
C PRO A 102 24.48 7.36 -17.85
N ASN A 103 24.74 6.90 -16.63
CA ASN A 103 23.83 6.03 -15.89
C ASN A 103 23.33 6.66 -14.54
N LYS A 104 23.39 8.00 -14.42
CA LYS A 104 22.93 8.77 -13.24
C LYS A 104 23.57 8.24 -11.93
N SER A 105 24.86 7.88 -12.00
CA SER A 105 25.62 7.31 -10.88
C SER A 105 26.15 8.32 -9.87
N LYS A 106 26.28 9.59 -10.22
CA LYS A 106 26.77 10.58 -9.25
C LYS A 106 25.65 11.07 -8.28
N LEU A 107 24.48 11.45 -8.82
CA LEU A 107 23.39 11.96 -7.99
C LEU A 107 22.44 10.84 -7.56
N GLY A 108 22.36 9.80 -8.39
CA GLY A 108 21.48 8.66 -8.21
C GLY A 108 20.29 8.80 -9.13
N ALA A 109 19.88 7.71 -9.75
CA ALA A 109 18.71 7.74 -10.63
C ALA A 109 17.43 8.04 -9.79
N ASN A 110 17.45 7.62 -8.50
CA ASN A 110 16.36 7.79 -7.53
C ASN A 110 16.20 9.29 -7.13
N ALA A 111 17.31 10.04 -6.95
CA ALA A 111 17.26 11.48 -6.68
C ALA A 111 16.79 12.23 -7.95
N ILE A 112 17.31 11.88 -9.11
CA ILE A 112 16.91 12.52 -10.37
C ILE A 112 15.42 12.30 -10.68
N LEU A 113 14.94 11.03 -10.63
CA LEU A 113 13.54 10.71 -10.89
C LEU A 113 12.57 11.37 -9.91
N GLY A 114 12.98 11.46 -8.64
CA GLY A 114 12.20 12.04 -7.56
C GLY A 114 11.85 13.47 -7.83
N VAL A 115 12.87 14.28 -8.19
CA VAL A 115 12.76 15.70 -8.52
C VAL A 115 11.98 15.85 -9.84
N SER A 116 12.32 15.04 -10.87
CA SER A 116 11.67 15.02 -12.18
C SER A 116 10.13 14.85 -12.03
N LEU A 117 9.71 13.88 -11.22
CA LEU A 117 8.30 13.56 -10.96
C LEU A 117 7.65 14.58 -10.05
N ALA A 118 8.35 15.02 -8.99
CA ALA A 118 7.81 16.01 -8.04
C ALA A 118 7.58 17.36 -8.71
N ALA A 119 8.51 17.78 -9.59
CA ALA A 119 8.41 19.02 -10.35
C ALA A 119 7.14 19.01 -11.25
N ALA A 120 6.90 17.91 -11.97
CA ALA A 120 5.72 17.73 -12.84
C ALA A 120 4.41 17.86 -12.04
N LYS A 121 4.36 17.24 -10.85
CA LYS A 121 3.20 17.28 -9.95
C LYS A 121 2.96 18.69 -9.38
N ALA A 122 4.03 19.41 -9.06
CA ALA A 122 3.96 20.77 -8.51
C ALA A 122 3.35 21.69 -9.57
N ALA A 123 3.86 21.59 -10.81
CA ALA A 123 3.42 22.34 -11.95
C ALA A 123 1.93 22.03 -12.30
N ALA A 124 1.53 20.72 -12.30
CA ALA A 124 0.17 20.28 -12.56
C ALA A 124 -0.77 20.99 -11.57
N ALA A 125 -0.46 20.91 -10.28
CA ALA A 125 -1.21 21.56 -9.21
C ALA A 125 -1.23 23.11 -9.38
N ALA A 126 -0.17 23.73 -9.95
CA ALA A 126 -0.13 25.17 -10.20
C ALA A 126 -1.11 25.56 -11.32
N PHE A 127 -1.17 24.79 -12.41
CA PHE A 127 -2.14 24.99 -13.49
C PHE A 127 -3.56 24.47 -13.10
N GLY A 128 -3.71 23.85 -11.92
CA GLY A 128 -4.96 23.27 -11.43
C GLY A 128 -5.45 22.14 -12.32
N LEU A 129 -4.51 21.31 -12.84
CA LEU A 129 -4.80 20.18 -13.72
C LEU A 129 -4.47 18.81 -13.08
N PRO A 130 -5.21 17.72 -13.41
CA PRO A 130 -4.78 16.39 -12.91
C PRO A 130 -3.50 16.02 -13.65
N LEU A 131 -2.63 15.20 -13.04
CA LEU A 131 -1.34 14.82 -13.64
C LEU A 131 -1.44 14.27 -15.08
N TYR A 132 -2.40 13.37 -15.39
CA TYR A 132 -2.53 12.79 -16.75
C TYR A 132 -2.75 13.85 -17.82
N ARG A 133 -3.56 14.87 -17.48
CA ARG A 133 -3.89 15.98 -18.37
C ARG A 133 -2.71 16.94 -18.51
N TYR A 134 -2.08 17.27 -17.38
CA TYR A 134 -0.89 18.12 -17.40
C TYR A 134 0.21 17.46 -18.24
N LEU A 135 0.39 16.11 -18.12
CA LEU A 135 1.43 15.44 -18.88
C LEU A 135 1.11 15.21 -20.35
N GLY A 136 -0.10 14.71 -20.69
CA GLY A 136 -0.39 14.36 -22.07
C GLY A 136 -1.26 15.32 -22.86
N GLY A 137 -1.69 16.39 -22.22
CA GLY A 137 -2.51 17.35 -22.91
C GLY A 137 -3.91 16.85 -23.12
N VAL A 138 -4.62 17.55 -23.97
CA VAL A 138 -6.02 17.49 -24.32
C VAL A 138 -6.50 16.09 -24.81
N TYR A 139 -5.61 15.27 -25.42
CA TYR A 139 -6.02 13.96 -25.94
C TYR A 139 -5.78 12.75 -24.97
N ALA A 140 -5.36 13.03 -23.71
CA ALA A 140 -5.10 12.02 -22.66
C ALA A 140 -6.47 11.49 -22.15
N HIS A 141 -6.91 10.27 -22.57
CA HIS A 141 -8.25 9.76 -22.21
C HIS A 141 -8.40 8.24 -22.17
N VAL A 142 -7.38 7.50 -22.59
CA VAL A 142 -7.47 6.06 -22.73
C VAL A 142 -7.12 5.33 -21.42
N LEU A 143 -8.09 4.56 -20.91
CA LEU A 143 -7.90 3.74 -19.73
C LEU A 143 -7.32 2.39 -20.12
N PRO A 144 -6.25 2.00 -19.44
CA PRO A 144 -5.55 0.78 -19.83
C PRO A 144 -6.27 -0.51 -19.43
N VAL A 145 -6.00 -1.59 -20.16
CA VAL A 145 -6.49 -2.94 -19.84
C VAL A 145 -5.42 -3.42 -18.86
N PRO A 146 -5.78 -3.77 -17.61
CA PRO A 146 -4.72 -4.21 -16.68
C PRO A 146 -4.24 -5.66 -16.90
N MET A 147 -2.93 -5.90 -16.64
CA MET A 147 -2.32 -7.23 -16.63
C MET A 147 -2.33 -7.63 -15.19
N MET A 148 -3.40 -8.32 -14.78
CA MET A 148 -3.61 -8.68 -13.36
C MET A 148 -3.03 -10.02 -12.98
N ASN A 149 -1.99 -9.99 -12.13
CA ASN A 149 -1.33 -11.16 -11.59
C ASN A 149 -2.26 -11.92 -10.66
N ILE A 150 -2.46 -13.20 -10.92
CA ILE A 150 -3.32 -14.03 -10.07
C ILE A 150 -2.56 -15.27 -9.58
N MET A 151 -1.49 -15.67 -10.30
CA MET A 151 -0.68 -16.85 -9.99
C MET A 151 0.82 -16.60 -10.14
N ASN A 152 1.61 -17.09 -9.18
CA ASN A 152 3.06 -16.94 -9.23
C ASN A 152 3.75 -18.27 -9.46
N GLY A 153 5.06 -18.23 -9.74
CA GLY A 153 5.82 -19.44 -9.98
C GLY A 153 7.31 -19.22 -10.17
N GLY A 154 8.01 -20.28 -10.59
CA GLY A 154 9.45 -20.24 -10.81
C GLY A 154 10.23 -19.96 -9.54
N GLN A 155 10.80 -18.74 -9.46
CA GLN A 155 11.58 -18.20 -8.34
C GLN A 155 10.78 -18.23 -7.01
N HIS A 156 9.44 -18.10 -7.10
CA HIS A 156 8.51 -18.05 -5.96
C HIS A 156 7.76 -19.37 -5.71
N ALA A 157 8.08 -20.41 -6.51
CA ALA A 157 7.48 -21.74 -6.42
C ALA A 157 8.28 -22.69 -5.51
N THR A 158 7.73 -23.89 -5.26
CA THR A 158 8.31 -24.98 -4.47
C THR A 158 8.54 -26.18 -5.40
N ASN A 159 7.61 -26.38 -6.37
CA ASN A 159 7.65 -27.42 -7.40
C ASN A 159 7.18 -26.87 -8.76
N PHE A 163 7.72 -21.30 -14.88
CA PHE A 163 7.23 -20.05 -15.45
C PHE A 163 6.72 -19.13 -14.33
N GLN A 164 7.38 -17.97 -14.17
CA GLN A 164 7.21 -16.99 -13.08
C GLN A 164 5.81 -16.35 -12.88
N GLU A 165 5.21 -15.71 -13.90
CA GLU A 165 3.93 -15.03 -13.70
C GLU A 165 2.86 -15.39 -14.71
N PHE A 166 1.64 -15.52 -14.20
CA PHE A 166 0.42 -15.83 -14.95
C PHE A 166 -0.55 -14.70 -14.66
N MET A 167 -0.92 -13.95 -15.70
CA MET A 167 -1.81 -12.81 -15.53
C MET A 167 -3.04 -12.90 -16.36
N ILE A 168 -4.12 -12.26 -15.92
CA ILE A 168 -5.37 -12.18 -16.68
C ILE A 168 -5.60 -10.73 -17.09
N MET A 169 -6.27 -10.54 -18.23
CA MET A 169 -6.50 -9.23 -18.81
C MET A 169 -7.97 -9.09 -19.17
N PRO A 170 -8.73 -8.17 -18.55
CA PRO A 170 -10.16 -8.05 -18.89
C PRO A 170 -10.49 -7.26 -20.17
N VAL A 171 -9.96 -7.70 -21.33
CA VAL A 171 -10.14 -7.07 -22.65
C VAL A 171 -11.59 -6.75 -23.02
N GLY A 172 -12.53 -7.63 -22.70
CA GLY A 172 -13.92 -7.46 -23.11
C GLY A 172 -14.74 -6.46 -22.34
N ALA A 173 -14.22 -5.96 -21.19
CA ALA A 173 -14.92 -4.98 -20.35
C ALA A 173 -15.20 -3.68 -21.11
N GLU A 174 -16.31 -3.00 -20.74
CA GLU A 174 -16.77 -1.75 -21.35
C GLU A 174 -16.09 -0.53 -20.71
N SER A 175 -15.45 -0.71 -19.55
CA SER A 175 -14.78 0.34 -18.78
C SER A 175 -13.76 -0.29 -17.88
N PHE A 176 -12.85 0.52 -17.30
CA PHE A 176 -11.81 0.09 -16.36
C PHE A 176 -12.47 -0.41 -15.06
N ARG A 177 -13.52 0.28 -14.60
CA ARG A 177 -14.29 -0.05 -13.41
C ARG A 177 -14.84 -1.49 -13.50
N GLU A 178 -15.47 -1.84 -14.66
CA GLU A 178 -15.99 -3.17 -14.95
C GLU A 178 -14.86 -4.19 -15.05
N GLY A 179 -13.79 -3.83 -15.76
CA GLY A 179 -12.63 -4.70 -15.94
C GLY A 179 -11.95 -5.11 -14.66
N LEU A 180 -11.86 -4.14 -13.73
CA LEU A 180 -11.24 -4.36 -12.43
C LEU A 180 -12.07 -5.32 -11.61
N ARG A 181 -13.42 -5.19 -11.63
CA ARG A 181 -14.36 -6.07 -10.92
C ARG A 181 -14.25 -7.51 -11.42
N TRP A 182 -14.27 -7.71 -12.75
CA TRP A 182 -14.14 -9.01 -13.40
C TRP A 182 -12.91 -9.74 -12.90
N GLY A 183 -11.75 -9.05 -12.98
CA GLY A 183 -10.46 -9.54 -12.54
C GLY A 183 -10.46 -9.85 -11.06
N ALA A 184 -11.10 -8.98 -10.24
CA ALA A 184 -11.19 -9.22 -8.80
C ALA A 184 -12.01 -10.48 -8.51
N GLU A 185 -13.16 -10.63 -9.18
CA GLU A 185 -14.06 -11.80 -9.06
C GLU A 185 -13.35 -13.11 -9.45
N ILE A 186 -12.56 -13.09 -10.55
CA ILE A 186 -11.77 -14.26 -11.01
C ILE A 186 -10.68 -14.62 -10.00
N TYR A 187 -10.03 -13.60 -9.42
CA TYR A 187 -8.95 -13.76 -8.43
C TYR A 187 -9.50 -14.47 -7.19
N HIS A 188 -10.67 -14.02 -6.69
CA HIS A 188 -11.38 -14.58 -5.55
C HIS A 188 -11.85 -16.01 -5.84
N MET A 189 -12.31 -16.29 -7.07
CA MET A 189 -12.73 -17.62 -7.55
C MET A 189 -11.55 -18.57 -7.66
N LEU A 190 -10.38 -18.08 -8.10
CA LEU A 190 -9.16 -18.91 -8.22
C LEU A 190 -8.65 -19.41 -6.86
N LYS A 191 -8.98 -18.69 -5.78
CA LYS A 191 -8.63 -19.05 -4.39
C LYS A 191 -9.40 -20.33 -4.04
N LYS A 192 -10.73 -20.34 -4.33
CA LYS A 192 -11.64 -21.45 -4.14
C LYS A 192 -11.21 -22.64 -4.99
N VAL A 193 -10.96 -22.42 -6.30
CA VAL A 193 -10.52 -23.47 -7.24
C VAL A 193 -9.24 -24.18 -6.74
N ILE A 194 -8.26 -23.42 -6.20
CA ILE A 194 -7.01 -23.96 -5.64
C ILE A 194 -7.29 -24.79 -4.36
N HIS A 195 -8.11 -24.23 -3.43
CA HIS A 195 -8.53 -24.83 -2.16
C HIS A 195 -9.35 -26.12 -2.35
N ASP A 196 -10.26 -26.15 -3.34
CA ASP A 196 -11.12 -27.32 -3.65
C ASP A 196 -10.40 -28.29 -4.62
N ARG A 197 -9.06 -28.35 -4.51
CA ARG A 197 -8.14 -29.21 -5.25
C ARG A 197 -6.88 -29.52 -4.37
N GLY A 198 -6.87 -28.96 -3.15
CA GLY A 198 -5.84 -29.12 -2.12
C GLY A 198 -4.41 -28.77 -2.48
N PHE A 199 -4.09 -27.45 -2.56
CA PHE A 199 -2.74 -26.95 -2.86
C PHE A 199 -2.23 -25.95 -1.83
N GLY A 207 2.17 -10.97 -5.24
CA GLY A 207 0.80 -10.48 -5.36
C GLY A 207 -0.24 -11.59 -5.44
N GLY A 208 0.02 -12.55 -6.32
CA GLY A 208 -0.84 -13.70 -6.57
C GLY A 208 -0.47 -14.94 -5.78
N PHE A 209 -1.29 -15.99 -5.93
CA PHE A 209 -1.13 -17.27 -5.26
C PHE A 209 0.05 -18.06 -5.84
N ALA A 210 0.94 -18.59 -4.98
CA ALA A 210 2.11 -19.36 -5.40
C ALA A 210 2.20 -20.80 -4.81
N PRO A 211 1.35 -21.76 -5.27
CA PRO A 211 1.41 -23.13 -4.71
C PRO A 211 2.32 -24.09 -5.50
N SER A 212 2.53 -25.32 -4.95
CA SER A 212 3.31 -26.39 -5.56
C SER A 212 2.49 -26.99 -6.72
N LEU A 213 3.07 -27.00 -7.95
CA LEU A 213 2.36 -27.50 -9.14
C LEU A 213 3.15 -28.60 -9.90
N THR A 215 2.81 -29.86 -13.36
CA THR A 215 3.11 -29.56 -14.77
C THR A 215 3.19 -28.04 -14.95
N ASN A 216 3.56 -27.62 -16.16
CA ASN A 216 3.64 -26.22 -16.56
C ASN A 216 2.28 -25.82 -17.17
N ASP A 217 1.38 -26.82 -17.38
CA ASP A 217 0.02 -26.68 -17.92
C ASP A 217 -1.04 -26.55 -16.83
N ALA A 218 -0.73 -27.04 -15.61
CA ALA A 218 -1.58 -26.98 -14.43
C ALA A 218 -2.03 -25.53 -14.09
N PRO A 219 -1.12 -24.49 -14.07
CA PRO A 219 -1.60 -23.14 -13.77
C PRO A 219 -2.61 -22.62 -14.79
N LEU A 220 -2.38 -22.89 -16.09
CA LEU A 220 -3.27 -22.45 -17.15
C LEU A 220 -4.63 -23.10 -17.08
N GLN A 221 -4.68 -24.37 -16.62
CA GLN A 221 -5.92 -25.15 -16.42
C GLN A 221 -6.74 -24.54 -15.29
N LEU A 222 -6.11 -24.30 -14.12
CA LEU A 222 -6.74 -23.68 -12.94
C LEU A 222 -7.32 -22.30 -13.28
N ILE A 223 -6.56 -21.49 -14.05
CA ILE A 223 -6.96 -20.16 -14.49
C ILE A 223 -8.20 -20.26 -15.38
N MET A 224 -8.20 -21.19 -16.37
CA MET A 224 -9.34 -21.43 -17.26
C MET A 224 -10.60 -21.78 -16.46
N GLU A 225 -10.46 -22.60 -15.40
CA GLU A 225 -11.53 -23.00 -14.48
C GLU A 225 -12.00 -21.79 -13.68
N ALA A 226 -11.05 -20.98 -13.15
CA ALA A 226 -11.35 -19.75 -12.38
C ALA A 226 -12.11 -18.74 -13.24
N ILE A 227 -11.70 -18.54 -14.52
CA ILE A 227 -12.39 -17.63 -15.46
C ILE A 227 -13.84 -18.12 -15.69
N GLU A 228 -14.00 -19.44 -15.95
CA GLU A 228 -15.27 -20.12 -16.25
C GLU A 228 -16.24 -20.12 -15.08
N LYS A 229 -15.78 -20.51 -13.88
CA LYS A 229 -16.62 -20.58 -12.67
C LYS A 229 -17.02 -19.21 -12.10
N ALA A 230 -16.28 -18.12 -12.48
CA ALA A 230 -16.62 -16.76 -12.09
C ALA A 230 -17.71 -16.25 -13.03
N GLY A 231 -17.87 -16.93 -14.16
CA GLY A 231 -18.90 -16.61 -15.16
C GLY A 231 -18.42 -15.77 -16.32
N TYR A 232 -17.14 -15.92 -16.68
CA TYR A 232 -16.56 -15.15 -17.78
C TYR A 232 -16.13 -16.03 -18.95
N ARG A 233 -16.07 -15.42 -20.14
CA ARG A 233 -15.74 -16.11 -21.36
C ARG A 233 -14.28 -15.96 -21.75
N PRO A 234 -13.48 -17.04 -21.76
CA PRO A 234 -12.09 -16.93 -22.26
C PRO A 234 -12.08 -16.47 -23.73
N GLY A 235 -11.05 -15.72 -24.09
CA GLY A 235 -10.92 -15.14 -25.42
C GLY A 235 -11.72 -13.87 -25.56
N GLU A 236 -13.06 -14.02 -25.55
CA GLU A 236 -13.97 -12.89 -25.70
C GLU A 236 -13.82 -11.83 -24.58
N GLN A 237 -13.97 -12.26 -23.31
CA GLN A 237 -13.90 -11.37 -22.15
C GLN A 237 -12.53 -11.34 -21.46
N ILE A 238 -11.95 -12.52 -21.19
CA ILE A 238 -10.68 -12.62 -20.49
C ILE A 238 -9.62 -13.30 -21.34
N VAL A 239 -8.40 -12.77 -21.30
CA VAL A 239 -7.25 -13.33 -22.01
C VAL A 239 -6.09 -13.47 -21.05
N ILE A 240 -5.13 -14.35 -21.37
CA ILE A 240 -3.99 -14.61 -20.51
C ILE A 240 -2.75 -13.91 -21.05
N ALA A 241 -1.98 -13.27 -20.15
CA ALA A 241 -0.70 -12.65 -20.42
C ALA A 241 0.30 -13.39 -19.52
N LEU A 242 1.43 -13.82 -20.09
CA LEU A 242 2.43 -14.61 -19.39
C LEU A 242 3.76 -13.91 -19.30
N ASP A 243 4.46 -14.13 -18.20
CA ASP A 243 5.82 -13.68 -17.98
C ASP A 243 6.59 -14.87 -17.38
N PRO A 244 7.00 -15.84 -18.23
CA PRO A 244 7.77 -16.99 -17.73
C PRO A 244 9.16 -16.62 -17.19
N ALA A 245 9.70 -15.42 -17.56
CA ALA A 245 11.02 -14.88 -17.18
C ALA A 245 12.13 -15.91 -17.52
N THR A 246 12.27 -16.20 -18.83
CA THR A 246 13.18 -17.18 -19.43
C THR A 246 14.67 -16.95 -19.04
N THR A 247 15.04 -15.71 -18.69
CA THR A 247 16.40 -15.36 -18.23
C THR A 247 16.77 -16.17 -16.94
N GLU A 248 15.75 -16.47 -16.11
CA GLU A 248 15.92 -17.23 -14.85
C GLU A 248 16.23 -18.71 -15.06
N ILE A 249 15.82 -19.27 -16.22
CA ILE A 249 16.02 -20.69 -16.54
C ILE A 249 16.92 -20.89 -17.79
N PHE A 250 17.76 -19.92 -18.09
CA PHE A 250 18.65 -20.00 -19.25
C PHE A 250 20.10 -20.24 -18.81
N ASP A 252 21.98 -22.89 -19.70
CA ASP A 252 23.16 -22.30 -20.32
C ASP A 252 23.17 -22.57 -21.82
N GLY A 253 21.98 -22.61 -22.42
CA GLY A 253 21.86 -22.85 -23.85
C GLY A 253 20.43 -23.12 -24.27
N TYR A 255 17.73 -24.24 -22.43
CA TYR A 255 16.89 -23.78 -21.33
C TYR A 255 16.68 -24.90 -20.30
N LEU A 257 13.86 -26.04 -17.62
CA LEU A 257 12.51 -26.62 -17.48
C LEU A 257 12.49 -27.85 -16.56
N LYS A 258 12.96 -27.68 -15.32
CA LYS A 258 13.03 -28.70 -14.26
C LYS A 258 11.67 -29.39 -13.98
N ARG A 259 10.57 -28.60 -14.01
CA ARG A 259 9.19 -29.05 -13.79
C ARG A 259 8.71 -30.05 -14.88
N GLU A 260 9.40 -30.07 -16.04
CA GLU A 260 9.11 -30.93 -17.21
C GLU A 260 10.30 -31.82 -17.62
N GLY A 261 11.43 -31.70 -16.89
CA GLY A 261 12.66 -32.47 -17.09
C GLY A 261 13.28 -32.43 -18.47
N ARG A 262 13.16 -31.28 -19.16
CA ARG A 262 13.67 -31.06 -20.52
C ARG A 262 14.62 -29.86 -20.59
N SER A 263 15.43 -29.77 -21.64
CA SER A 263 16.36 -28.65 -21.84
C SER A 263 15.78 -27.64 -22.85
N SER A 266 16.76 -22.64 -28.23
CA SER A 266 16.04 -21.39 -28.49
C SER A 266 14.94 -21.63 -29.53
N ALA A 267 15.24 -22.46 -30.56
CA ALA A 267 14.29 -22.85 -31.61
C ALA A 267 13.20 -23.76 -31.05
N GLU A 268 13.57 -24.67 -30.12
CA GLU A 268 12.63 -25.60 -29.49
C GLU A 268 11.71 -24.94 -28.46
N MET A 269 12.16 -23.81 -27.86
CA MET A 269 11.40 -23.04 -26.88
C MET A 269 10.23 -22.35 -27.60
N VAL A 270 10.50 -21.82 -28.83
CA VAL A 270 9.51 -21.18 -29.70
C VAL A 270 8.40 -22.18 -29.95
N ASP A 271 8.79 -23.46 -30.27
CA ASP A 271 7.89 -24.59 -30.52
C ASP A 271 6.91 -24.82 -29.35
N TYR A 272 7.41 -24.71 -28.11
CA TYR A 272 6.60 -24.84 -26.90
C TYR A 272 5.56 -23.72 -26.81
N TRP A 273 5.95 -22.46 -27.13
CA TRP A 273 5.07 -21.31 -27.05
C TRP A 273 3.96 -21.34 -28.11
N VAL A 274 4.29 -21.73 -29.38
CA VAL A 274 3.31 -21.85 -30.49
C VAL A 274 2.19 -22.82 -30.08
N ASP A 275 2.60 -23.97 -29.55
CA ASP A 275 1.73 -25.03 -29.07
C ASP A 275 0.74 -24.51 -28.03
N LEU A 276 1.28 -23.94 -26.92
CA LEU A 276 0.53 -23.38 -25.79
C LEU A 276 -0.48 -22.28 -26.16
N VAL A 277 -0.08 -21.35 -27.04
CA VAL A 277 -0.87 -20.23 -27.56
C VAL A 277 -2.10 -20.72 -28.35
N ASN A 278 -1.96 -21.91 -28.99
CA ASN A 278 -3.02 -22.56 -29.77
C ASN A 278 -4.03 -23.27 -28.86
N ARG A 279 -3.61 -23.62 -27.64
CA ARG A 279 -4.48 -24.29 -26.66
C ARG A 279 -5.15 -23.31 -25.70
N TYR A 280 -4.40 -22.31 -25.19
CA TYR A 280 -4.91 -21.32 -24.22
C TYR A 280 -5.06 -19.91 -24.82
N PRO A 281 -6.00 -19.05 -24.32
CA PRO A 281 -6.15 -17.70 -24.89
C PRO A 281 -5.07 -16.72 -24.44
N ILE A 282 -3.83 -17.00 -24.85
CA ILE A 282 -2.66 -16.18 -24.57
C ILE A 282 -2.54 -15.08 -25.62
N ILE A 283 -2.68 -13.81 -25.19
CA ILE A 283 -2.59 -12.63 -26.03
C ILE A 283 -1.20 -12.00 -25.99
N SER A 284 -0.47 -12.22 -24.90
CA SER A 284 0.84 -11.61 -24.64
C SER A 284 1.81 -12.57 -23.95
N LEU A 285 3.09 -12.47 -24.29
CA LEU A 285 4.18 -13.28 -23.74
C LEU A 285 5.40 -12.40 -23.51
N GLU A 286 5.83 -12.30 -22.26
CA GLU A 286 6.93 -11.45 -21.83
C GLU A 286 8.10 -12.33 -21.48
N ASP A 287 9.29 -11.96 -21.99
CA ASP A 287 10.54 -12.67 -21.78
C ASP A 287 10.37 -14.18 -22.00
N GLY A 288 9.80 -14.53 -23.17
CA GLY A 288 9.56 -15.89 -23.62
C GLY A 288 10.86 -16.58 -23.99
N LEU A 289 11.87 -15.77 -24.36
CA LEU A 289 13.26 -16.13 -24.65
C LEU A 289 14.16 -15.20 -23.81
N ALA A 290 15.37 -15.66 -23.49
CA ALA A 290 16.36 -15.00 -22.62
C ALA A 290 16.78 -13.56 -23.02
N GLU A 291 17.39 -12.87 -22.02
CA GLU A 291 17.94 -11.50 -21.95
C GLU A 291 18.70 -11.01 -23.20
N ASP A 292 19.68 -11.81 -23.69
CA ASP A 292 20.51 -11.45 -24.85
C ASP A 292 20.38 -12.45 -26.02
N ASP A 293 19.33 -13.28 -26.01
CA ASP A 293 19.00 -14.26 -27.06
C ASP A 293 18.32 -13.50 -28.22
N TRP A 294 19.06 -12.54 -28.81
CA TRP A 294 18.59 -11.68 -29.90
C TRP A 294 18.19 -12.48 -31.14
N GLU A 295 18.86 -13.63 -31.37
CA GLU A 295 18.64 -14.53 -32.49
C GLU A 295 17.25 -15.19 -32.41
N GLY A 296 16.93 -15.71 -31.22
CA GLY A 296 15.66 -16.38 -30.93
C GLY A 296 14.47 -15.46 -30.89
N TRP A 297 14.64 -14.25 -30.30
CA TRP A 297 13.59 -13.23 -30.19
C TRP A 297 12.99 -12.91 -31.56
N ALA A 298 13.85 -12.67 -32.58
CA ALA A 298 13.42 -12.39 -33.96
C ALA A 298 12.63 -13.56 -34.55
N LEU A 299 13.05 -14.81 -34.25
CA LEU A 299 12.41 -16.05 -34.72
C LEU A 299 11.02 -16.25 -34.09
N LEU A 300 10.87 -15.85 -32.81
CA LEU A 300 9.61 -15.89 -32.06
C LEU A 300 8.61 -14.90 -32.70
N ARG A 301 9.08 -13.72 -33.19
CA ARG A 301 8.21 -12.75 -33.86
C ARG A 301 7.64 -13.29 -35.16
N ALA A 302 8.50 -13.89 -36.01
CA ALA A 302 8.06 -14.47 -37.29
C ALA A 302 6.98 -15.55 -37.09
N LYS A 303 7.08 -16.34 -36.02
CA LYS A 303 6.16 -17.43 -35.68
C LYS A 303 4.83 -16.99 -34.99
N LEU A 304 4.90 -16.00 -34.05
CA LEU A 304 3.75 -15.58 -33.23
C LEU A 304 3.34 -14.08 -33.31
N GLY A 305 4.30 -13.20 -33.57
CA GLY A 305 4.16 -11.74 -33.65
C GLY A 305 2.86 -11.17 -34.21
N ASP A 306 2.30 -11.82 -35.23
CA ASP A 306 1.06 -11.43 -35.92
C ASP A 306 -0.20 -11.64 -35.10
N ARG A 307 -0.16 -12.58 -34.12
CA ARG A 307 -1.31 -12.94 -33.28
C ARG A 307 -1.04 -12.87 -31.75
N VAL A 308 0.23 -12.69 -31.34
CA VAL A 308 0.65 -12.62 -29.94
C VAL A 308 1.58 -11.39 -29.72
N GLN A 309 1.39 -10.69 -28.56
CA GLN A 309 2.18 -9.55 -28.13
C GLN A 309 3.41 -10.12 -27.45
N LEU A 310 4.59 -9.72 -27.90
CA LEU A 310 5.86 -10.21 -27.35
C LEU A 310 6.57 -9.06 -26.70
N VAL A 311 6.59 -9.05 -25.35
CA VAL A 311 7.10 -8.01 -24.47
C VAL A 311 8.55 -8.20 -24.02
N GLY A 312 9.37 -7.18 -24.27
CA GLY A 312 10.75 -7.16 -23.81
C GLY A 312 10.86 -6.45 -22.46
N ASP A 313 11.23 -7.22 -21.40
CA ASP A 313 11.44 -6.72 -20.03
C ASP A 313 12.95 -6.71 -19.78
N ASP A 314 13.54 -7.85 -19.30
CA ASP A 314 14.99 -7.99 -19.10
C ASP A 314 15.71 -7.89 -20.46
N PHE A 315 14.98 -8.22 -21.55
CA PHE A 315 15.44 -8.14 -22.93
C PHE A 315 15.68 -6.70 -23.39
N LEU A 316 14.86 -5.73 -22.96
CA LEU A 316 15.01 -4.36 -23.43
C LEU A 316 15.45 -3.38 -22.36
N VAL A 317 15.28 -3.76 -21.07
CA VAL A 317 15.65 -3.06 -19.84
C VAL A 317 15.33 -1.51 -19.92
N THR A 318 14.22 -1.19 -20.62
CA THR A 318 13.68 0.17 -20.89
C THR A 318 14.79 1.13 -21.44
N ASN A 319 15.74 0.56 -22.19
CA ASN A 319 16.89 1.23 -22.80
C ASN A 319 16.55 1.51 -24.27
N VAL A 320 16.55 2.81 -24.64
CA VAL A 320 16.21 3.33 -25.99
C VAL A 320 17.12 2.78 -27.12
N GLN A 321 18.42 2.54 -26.81
CA GLN A 321 19.39 2.00 -27.77
C GLN A 321 19.04 0.55 -28.10
N ARG A 322 18.77 -0.28 -27.06
CA ARG A 322 18.34 -1.69 -27.17
C ARG A 322 16.99 -1.76 -27.88
N LEU A 323 16.08 -0.80 -27.56
CA LEU A 323 14.74 -0.65 -28.13
C LEU A 323 14.84 -0.40 -29.65
N GLN A 324 15.69 0.57 -30.06
CA GLN A 324 15.92 0.90 -31.48
C GLN A 324 16.50 -0.31 -32.25
N ARG A 325 17.41 -1.08 -31.59
CA ARG A 325 18.01 -2.29 -32.14
C ARG A 325 16.94 -3.34 -32.38
N ALA A 326 16.08 -3.60 -31.37
CA ALA A 326 14.97 -4.55 -31.46
C ALA A 326 13.86 -4.09 -32.42
N ILE A 327 13.71 -2.75 -32.63
CA ILE A 327 12.74 -2.17 -33.58
C ILE A 327 13.25 -2.51 -35.00
N GLU A 328 14.54 -2.24 -35.26
CA GLU A 328 15.21 -2.49 -36.53
C GLU A 328 15.31 -4.00 -36.85
N ALA A 329 15.70 -4.80 -35.85
CA ALA A 329 15.86 -6.25 -35.97
C ALA A 329 14.52 -7.01 -36.05
N LYS A 330 13.38 -6.33 -35.74
CA LYS A 330 12.03 -6.93 -35.71
C LYS A 330 12.06 -8.11 -34.65
N ALA A 331 12.65 -7.83 -33.46
CA ALA A 331 12.86 -8.78 -32.36
C ALA A 331 11.68 -8.94 -31.36
N ALA A 332 10.82 -7.91 -31.25
CA ALA A 332 9.62 -7.93 -30.38
C ALA A 332 8.60 -6.96 -30.98
N ASN A 333 7.50 -6.67 -30.30
CA ASN A 333 6.48 -5.73 -30.78
C ASN A 333 5.85 -4.98 -29.60
N SER A 334 6.49 -5.11 -28.40
CA SER A 334 6.05 -4.52 -27.14
C SER A 334 7.22 -4.42 -26.16
N ILE A 335 7.26 -3.34 -25.38
CA ILE A 335 8.31 -3.09 -24.40
C ILE A 335 7.70 -2.81 -23.04
N LEU A 336 8.36 -3.26 -21.98
CA LEU A 336 7.91 -3.03 -20.62
C LEU A 336 8.61 -1.76 -20.18
N ILE A 337 7.83 -0.78 -19.68
CA ILE A 337 8.35 0.51 -19.27
C ILE A 337 8.47 0.64 -17.76
N LYS A 338 9.71 0.85 -17.28
CA LYS A 338 10.02 1.07 -15.86
C LYS A 338 10.75 2.41 -15.69
N LEU A 339 10.07 3.34 -14.99
CA LEU A 339 10.46 4.70 -14.65
C LEU A 339 11.83 4.76 -13.98
N ASN A 340 12.03 3.95 -12.91
CA ASN A 340 13.28 3.89 -12.13
C ASN A 340 14.49 3.33 -12.93
N GLN A 341 14.23 2.59 -14.02
CA GLN A 341 15.27 2.06 -14.91
C GLN A 341 15.75 3.15 -15.88
N ILE A 342 14.89 4.16 -16.16
CA ILE A 342 15.19 5.28 -17.05
C ILE A 342 15.75 6.49 -16.26
N GLY A 343 15.10 6.86 -15.15
CA GLY A 343 15.59 7.90 -14.27
C GLY A 343 15.08 9.31 -14.44
N SER A 344 14.27 9.57 -15.47
CA SER A 344 13.64 10.88 -15.71
C SER A 344 12.33 10.70 -16.41
N LEU A 345 11.44 11.66 -16.23
CA LEU A 345 10.12 11.63 -16.84
C LEU A 345 10.21 11.86 -18.33
N THR A 346 11.01 12.84 -18.75
CA THR A 346 11.22 13.13 -20.17
C THR A 346 11.74 11.91 -20.94
N GLU A 347 12.75 11.20 -20.38
CA GLU A 347 13.34 10.05 -21.08
C GLU A 347 12.38 8.86 -21.14
N THR A 348 11.46 8.78 -20.15
CA THR A 348 10.40 7.75 -20.11
C THR A 348 9.39 7.99 -21.19
N LEU A 349 8.91 9.24 -21.31
CA LEU A 349 7.95 9.66 -22.33
C LEU A 349 8.52 9.47 -23.72
N SER A 350 9.82 9.73 -23.85
CA SER A 350 10.60 9.57 -25.08
C SER A 350 10.63 8.09 -25.48
N ALA A 351 10.89 7.19 -24.51
CA ALA A 351 10.91 5.74 -24.75
C ALA A 351 9.52 5.23 -25.10
N ILE A 352 8.46 5.76 -24.45
CA ILE A 352 7.08 5.34 -24.72
C ILE A 352 6.73 5.70 -26.16
N GLN A 353 7.03 6.95 -26.54
CA GLN A 353 6.79 7.48 -27.88
C GLN A 353 7.58 6.71 -28.95
N LEU A 354 8.90 6.50 -28.74
CA LEU A 354 9.75 5.74 -29.68
C LEU A 354 9.13 4.37 -30.04
N ALA A 355 8.74 3.60 -29.00
CA ALA A 355 8.09 2.30 -29.12
C ALA A 355 6.76 2.41 -29.89
N GLN A 356 5.84 3.27 -29.41
CA GLN A 356 4.52 3.52 -30.01
C GLN A 356 4.53 3.90 -31.49
N ARG A 357 5.50 4.73 -31.93
CA ARG A 357 5.60 5.21 -33.32
C ARG A 357 6.14 4.18 -34.33
N GLY A 359 5.62 0.71 -34.49
CA GLY A 359 4.25 0.54 -34.02
C GLY A 359 4.07 -0.53 -32.96
N TRP A 360 4.92 -0.49 -31.91
CA TRP A 360 4.89 -1.39 -30.76
C TRP A 360 3.91 -0.88 -29.71
N THR A 361 3.67 -1.69 -28.65
CA THR A 361 2.88 -1.21 -27.51
C THR A 361 3.86 -0.93 -26.37
N ALA A 362 3.58 0.10 -25.57
CA ALA A 362 4.40 0.43 -24.41
C ALA A 362 3.60 -0.02 -23.18
N VAL A 363 4.15 -0.95 -22.39
CA VAL A 363 3.48 -1.50 -21.21
C VAL A 363 4.10 -0.88 -19.96
N VAL A 364 3.40 0.07 -19.33
CA VAL A 364 3.89 0.73 -18.13
C VAL A 364 3.76 -0.26 -16.97
N SER A 365 4.88 -0.51 -16.30
CA SER A 365 4.94 -1.45 -15.22
C SER A 365 5.34 -0.84 -13.91
N HIS A 366 4.81 -1.42 -12.81
CA HIS A 366 5.12 -1.13 -11.42
C HIS A 366 6.45 -1.86 -11.06
N ARG A 367 6.97 -1.60 -9.85
CA ARG A 367 8.19 -2.21 -9.35
C ARG A 367 7.84 -3.04 -8.09
N SER A 368 8.72 -4.00 -7.71
CA SER A 368 8.57 -4.84 -6.53
C SER A 368 8.69 -3.97 -5.27
N GLY A 369 9.59 -2.98 -5.37
CA GLY A 369 9.82 -2.00 -4.32
C GLY A 369 8.99 -0.75 -4.56
N GLU A 370 7.66 -0.93 -4.80
CA GLU A 370 6.73 0.17 -5.03
C GLU A 370 6.31 0.86 -3.72
N SER A 371 5.34 1.77 -3.79
CA SER A 371 4.85 2.59 -2.67
C SER A 371 3.38 3.02 -2.86
N GLU A 372 2.93 4.03 -2.06
CA GLU A 372 1.60 4.66 -2.14
C GLU A 372 1.53 5.61 -3.35
N ASP A 373 2.70 5.99 -3.94
CA ASP A 373 2.85 6.85 -5.12
C ASP A 373 2.15 6.19 -6.33
N VAL A 374 1.22 6.93 -6.97
CA VAL A 374 0.38 6.46 -8.08
C VAL A 374 0.66 7.13 -9.44
N THR A 375 1.86 7.72 -9.63
CA THR A 375 2.30 8.40 -10.87
C THR A 375 2.07 7.58 -12.15
N ILE A 376 2.35 6.25 -12.11
CA ILE A 376 2.22 5.38 -13.28
C ILE A 376 0.77 5.28 -13.77
N ALA A 377 -0.23 5.43 -12.86
CA ALA A 377 -1.64 5.43 -13.26
C ALA A 377 -1.92 6.65 -14.15
N ASP A 378 -1.37 7.83 -13.79
CA ASP A 378 -1.51 9.06 -14.58
C ASP A 378 -0.67 9.01 -15.85
N LEU A 379 0.56 8.45 -15.76
CA LEU A 379 1.45 8.28 -16.90
C LEU A 379 0.85 7.38 -17.98
N VAL A 380 0.15 6.32 -17.59
CA VAL A 380 -0.45 5.39 -18.56
C VAL A 380 -1.59 6.06 -19.33
N VAL A 381 -2.36 6.94 -18.70
CA VAL A 381 -3.46 7.65 -19.33
C VAL A 381 -2.91 8.82 -20.19
N ALA A 382 -1.90 9.57 -19.67
CA ALA A 382 -1.25 10.72 -20.35
C ALA A 382 -0.75 10.33 -21.74
N THR A 383 -0.17 9.14 -21.85
CA THR A 383 0.34 8.60 -23.12
C THR A 383 -0.64 7.70 -23.85
N ASN A 384 -1.89 7.51 -23.34
CA ASN A 384 -2.89 6.60 -23.94
C ASN A 384 -2.27 5.22 -24.25
N ALA A 385 -1.39 4.71 -23.35
CA ALA A 385 -0.58 3.49 -23.52
C ALA A 385 -1.39 2.24 -23.79
N GLY A 386 -2.57 2.12 -23.18
CA GLY A 386 -3.50 1.05 -23.45
C GLY A 386 -3.44 -0.15 -22.54
N GLN A 387 -2.28 -0.33 -21.84
CA GLN A 387 -2.03 -1.43 -20.92
C GLN A 387 -1.19 -1.00 -19.73
N ILE A 388 -1.46 -1.62 -18.60
CA ILE A 388 -0.69 -1.41 -17.37
C ILE A 388 -0.35 -2.75 -16.77
N LYS A 389 0.83 -2.85 -16.15
CA LYS A 389 1.22 -4.05 -15.47
C LYS A 389 1.37 -3.73 -13.98
N THR A 390 0.38 -4.18 -13.20
CA THR A 390 0.31 -4.08 -11.74
C THR A 390 0.10 -5.53 -11.18
N GLY A 391 0.06 -5.67 -9.87
CA GLY A 391 -0.12 -6.98 -9.25
C GLY A 391 -1.56 -7.44 -9.18
N ALA A 392 -1.83 -8.33 -8.24
CA ALA A 392 -3.16 -8.86 -7.98
C ALA A 392 -4.09 -7.73 -7.48
N PRO A 393 -5.43 -7.84 -7.63
CA PRO A 393 -6.31 -6.81 -7.03
C PRO A 393 -6.43 -7.10 -5.52
N ALA A 394 -5.32 -6.85 -4.76
CA ALA A 394 -5.16 -7.08 -3.32
C ALA A 394 -4.04 -6.21 -2.70
N THR A 396 -2.41 -2.73 -1.27
CA THR A 396 -2.37 -1.27 -1.48
C THR A 396 -1.19 -0.89 -2.39
N ASP A 397 -0.21 -1.80 -2.46
CA ASP A 397 1.00 -1.70 -3.27
C ASP A 397 0.69 -1.98 -4.76
N ILE A 399 -3.10 -1.60 -5.81
CA ILE A 399 -4.49 -1.24 -5.43
C ILE A 399 -4.66 0.27 -5.45
N ALA A 400 -3.67 1.02 -4.92
CA ALA A 400 -3.69 2.47 -4.98
C ALA A 400 -3.69 2.93 -6.46
N LYS A 401 -2.94 2.21 -7.30
CA LYS A 401 -2.85 2.45 -8.75
C LYS A 401 -4.18 2.14 -9.39
N TYR A 402 -4.84 1.01 -9.01
CA TYR A 402 -6.18 0.65 -9.49
C TYR A 402 -7.19 1.72 -9.07
N ASN A 403 -7.09 2.25 -7.83
CA ASN A 403 -7.98 3.34 -7.37
C ASN A 403 -7.74 4.63 -8.10
N GLN A 404 -6.47 4.96 -8.47
CA GLN A 404 -6.19 6.18 -9.23
C GLN A 404 -6.85 6.12 -10.59
N LEU A 405 -6.76 4.94 -11.28
CA LEU A 405 -7.40 4.71 -12.57
C LEU A 405 -8.91 4.82 -12.48
N LEU A 406 -9.49 4.37 -11.36
CA LEU A 406 -10.93 4.54 -11.10
C LEU A 406 -11.25 6.04 -11.01
N ARG A 407 -10.43 6.83 -10.26
CA ARG A 407 -10.64 8.29 -10.14
C ARG A 407 -10.47 9.01 -11.47
N ILE A 408 -9.48 8.60 -12.28
CA ILE A 408 -9.23 9.21 -13.60
C ILE A 408 -10.40 8.96 -14.54
N GLU A 409 -10.91 7.71 -14.60
CA GLU A 409 -12.04 7.32 -15.45
C GLU A 409 -13.28 8.12 -15.09
N GLU A 410 -13.52 8.31 -13.76
CA GLU A 410 -14.65 9.09 -13.26
C GLU A 410 -14.52 10.57 -13.72
N GLU A 411 -13.37 11.21 -13.44
CA GLU A 411 -13.06 12.59 -13.78
C GLU A 411 -13.18 12.89 -15.27
N LEU A 412 -12.75 11.94 -16.14
CA LEU A 412 -12.85 12.08 -17.59
C LEU A 412 -14.28 12.03 -18.11
N GLY A 413 -15.19 11.43 -17.34
CA GLY A 413 -16.60 11.30 -17.70
C GLY A 413 -16.80 10.71 -19.10
N SER A 414 -17.62 11.39 -19.91
CA SER A 414 -17.96 10.99 -21.28
C SER A 414 -16.75 10.86 -22.19
N ALA A 415 -15.65 11.56 -21.85
CA ALA A 415 -14.41 11.58 -22.60
C ALA A 415 -13.54 10.30 -22.42
N ALA A 416 -13.76 9.57 -21.33
CA ALA A 416 -13.01 8.35 -21.03
C ALA A 416 -13.32 7.22 -22.02
N ARG A 417 -12.29 6.47 -22.36
CA ARG A 417 -12.39 5.33 -23.24
C ARG A 417 -11.47 4.25 -22.71
N TYR A 418 -12.03 3.06 -22.42
CA TYR A 418 -11.28 1.87 -22.02
C TYR A 418 -10.66 1.31 -23.31
N ALA A 419 -9.35 1.00 -23.29
CA ALA A 419 -8.65 0.49 -24.47
C ALA A 419 -9.32 -0.75 -25.05
N GLY A 420 -9.63 -1.76 -24.21
CA GLY A 420 -10.25 -3.01 -24.62
C GLY A 420 -9.40 -3.81 -25.58
N ARG A 421 -9.99 -4.29 -26.69
CA ARG A 421 -9.25 -5.06 -27.72
C ARG A 421 -8.26 -4.14 -28.49
N SER A 422 -8.64 -2.84 -28.66
CA SER A 422 -7.82 -1.82 -29.33
C SER A 422 -6.44 -1.59 -28.66
N ALA A 423 -6.25 -2.11 -27.42
CA ALA A 423 -4.98 -2.07 -26.69
C ALA A 423 -3.93 -2.89 -27.43
N PHE A 424 -4.38 -3.88 -28.20
CA PHE A 424 -3.50 -4.80 -28.88
C PHE A 424 -3.30 -4.51 -30.36
N LYS A 425 -2.02 -4.55 -30.78
CA LYS A 425 -1.59 -4.36 -32.16
C LYS A 425 -1.56 -5.78 -32.81
N VAL A 426 -2.74 -6.43 -32.84
CA VAL A 426 -2.99 -7.78 -33.35
C VAL A 426 -3.88 -7.75 -34.61
N SER B 2 -16.51 30.22 2.58
CA SER B 2 -15.08 29.85 2.49
C SER B 2 -14.86 28.41 2.94
N THR B 3 -15.18 28.06 4.22
CA THR B 3 -15.10 26.67 4.75
C THR B 3 -16.45 25.97 4.68
N LEU B 4 -17.46 26.66 4.14
CA LEU B 4 -18.81 26.18 3.88
C LEU B 4 -18.77 25.10 2.76
N ILE B 5 -19.40 23.96 3.00
CA ILE B 5 -19.49 22.87 2.01
C ILE B 5 -20.26 23.29 0.73
N GLU B 6 -19.70 22.95 -0.43
CA GLU B 6 -20.22 23.22 -1.77
C GLU B 6 -20.64 21.91 -2.48
N ALA B 7 -19.90 20.81 -2.25
CA ALA B 7 -20.18 19.50 -2.85
C ALA B 7 -19.64 18.38 -2.01
N ILE B 8 -20.40 17.27 -1.92
CA ILE B 8 -20.03 16.01 -1.26
C ILE B 8 -20.22 14.88 -2.28
N VAL B 9 -19.14 14.21 -2.64
CA VAL B 9 -19.09 13.16 -3.66
C VAL B 9 -18.48 11.88 -3.11
N ALA B 10 -19.10 10.74 -3.40
CA ALA B 10 -18.58 9.43 -3.00
C ALA B 10 -18.39 8.51 -4.24
N ARG B 11 -17.53 7.52 -4.12
CA ARG B 11 -17.24 6.57 -5.17
C ARG B 11 -16.89 5.25 -4.52
N GLU B 12 -16.96 4.17 -5.30
CA GLU B 12 -16.58 2.85 -4.83
C GLU B 12 -15.19 2.55 -5.38
N VAL B 13 -14.26 2.32 -4.47
CA VAL B 13 -12.85 2.00 -4.74
C VAL B 13 -12.54 0.66 -4.06
N LEU B 14 -11.31 0.16 -4.17
CA LEU B 14 -10.97 -1.07 -3.48
C LEU B 14 -10.10 -0.83 -2.28
N ASP B 15 -10.26 -1.69 -1.24
CA ASP B 15 -9.47 -1.63 -0.02
C ASP B 15 -8.25 -2.53 -0.16
N SER B 16 -7.40 -2.59 0.86
CA SER B 16 -6.16 -3.38 0.81
C SER B 16 -6.35 -4.90 0.52
N ARG B 17 -7.59 -5.42 0.67
CA ARG B 17 -7.94 -6.84 0.44
C ARG B 17 -8.64 -7.03 -0.92
N GLY B 18 -8.76 -5.94 -1.68
CA GLY B 18 -9.42 -5.94 -2.96
C GLY B 18 -10.92 -5.98 -2.84
N ASN B 19 -11.44 -5.55 -1.68
CA ASN B 19 -12.88 -5.50 -1.45
C ASN B 19 -13.41 -4.09 -1.65
N PRO B 20 -14.62 -3.89 -2.22
CA PRO B 20 -15.14 -2.54 -2.39
C PRO B 20 -15.22 -1.77 -1.08
N THR B 21 -14.88 -0.49 -1.15
CA THR B 21 -14.93 0.43 -0.04
C THR B 21 -15.33 1.81 -0.54
N ILE B 22 -15.79 2.64 0.38
CA ILE B 22 -16.22 3.98 0.05
C ILE B 22 -15.06 4.98 0.23
N GLU B 23 -14.95 5.89 -0.73
CA GLU B 23 -14.07 7.02 -0.71
C GLU B 23 -14.96 8.25 -0.85
N VAL B 24 -14.84 9.20 0.09
CA VAL B 24 -15.65 10.43 0.09
C VAL B 24 -14.75 11.65 -0.12
N ASP B 25 -15.15 12.52 -1.04
CA ASP B 25 -14.54 13.81 -1.30
C ASP B 25 -15.53 14.87 -0.80
N VAL B 26 -15.05 15.83 0.03
CA VAL B 26 -15.80 17.02 0.47
C VAL B 26 -15.06 18.25 -0.11
N ARG B 27 -15.80 19.07 -0.87
CA ARG B 27 -15.32 20.30 -1.51
C ARG B 27 -15.94 21.50 -0.80
N LEU B 28 -15.09 22.47 -0.43
CA LEU B 28 -15.52 23.70 0.26
C LEU B 28 -15.63 24.87 -0.72
N GLU B 29 -16.32 25.95 -0.31
CA GLU B 29 -16.41 27.14 -1.19
C GLU B 29 -15.03 27.73 -1.51
N SER B 30 -14.00 27.49 -0.64
CA SER B 30 -12.61 27.90 -0.87
C SER B 30 -11.97 27.15 -2.05
N GLY B 31 -12.58 26.04 -2.46
CA GLY B 31 -12.05 25.19 -3.53
C GLY B 31 -11.24 24.04 -2.97
N ASP B 32 -11.07 23.97 -1.63
CA ASP B 32 -10.32 22.89 -0.99
C ASP B 32 -11.13 21.63 -0.94
N VAL B 33 -10.45 20.50 -1.18
CA VAL B 33 -11.02 19.17 -1.24
C VAL B 33 -10.34 18.32 -0.18
N GLY B 34 -11.15 17.61 0.58
CA GLY B 34 -10.71 16.65 1.57
C GLY B 34 -11.21 15.31 1.12
N ARG B 35 -10.36 14.28 1.22
CA ARG B 35 -10.70 12.95 0.74
C ARG B 35 -10.41 11.89 1.78
N ALA B 36 -11.35 10.97 1.97
CA ALA B 36 -11.16 9.91 2.95
C ALA B 36 -11.64 8.57 2.41
N ILE B 37 -10.93 7.52 2.74
CA ILE B 37 -11.28 6.15 2.38
C ILE B 37 -11.63 5.46 3.68
N VAL B 38 -12.83 4.90 3.74
CA VAL B 38 -13.31 4.22 4.95
C VAL B 38 -13.61 2.75 4.68
N PRO B 39 -12.64 1.83 4.96
CA PRO B 39 -12.90 0.39 4.76
C PRO B 39 -13.98 -0.19 5.68
N SER B 40 -14.82 -1.11 5.13
CA SER B 40 -15.93 -1.78 5.80
C SER B 40 -15.49 -3.12 6.45
N GLY B 41 -16.18 -3.49 7.54
CA GLY B 41 -15.92 -4.72 8.29
C GLY B 41 -16.26 -6.00 7.56
N LEU B 52 -22.71 -0.07 5.46
CA LEU B 52 -23.69 -0.35 4.42
C LEU B 52 -23.11 -1.20 3.23
N ARG B 53 -23.36 -2.54 3.29
CA ARG B 53 -22.97 -3.58 2.30
C ARG B 53 -24.16 -3.89 1.38
N ASP B 54 -23.92 -3.98 0.07
CA ASP B 54 -24.98 -4.16 -0.92
C ASP B 54 -25.75 -5.50 -0.92
N GLY B 55 -25.03 -6.63 -0.91
CA GLY B 55 -25.65 -7.94 -0.99
C GLY B 55 -26.14 -8.32 -2.38
N ASP B 56 -25.60 -7.66 -3.43
CA ASP B 56 -25.92 -7.96 -4.81
C ASP B 56 -24.84 -8.97 -5.25
N LYS B 57 -25.27 -10.23 -5.45
CA LYS B 57 -24.39 -11.35 -5.78
C LYS B 57 -23.82 -11.31 -7.20
N SER B 58 -24.37 -10.46 -8.09
CA SER B 58 -23.85 -10.26 -9.45
C SER B 58 -22.75 -9.13 -9.50
N ARG B 59 -22.23 -8.71 -8.31
CA ARG B 59 -21.19 -7.68 -8.18
C ARG B 59 -20.34 -7.98 -6.97
N TYR B 60 -19.05 -8.28 -7.16
CA TYR B 60 -18.08 -8.53 -6.07
C TYR B 60 -18.56 -9.50 -4.98
N ASN B 61 -19.41 -10.48 -5.39
CA ASN B 61 -20.01 -11.52 -4.54
C ASN B 61 -20.73 -10.90 -3.31
N GLY B 62 -21.49 -9.84 -3.57
CA GLY B 62 -22.30 -9.10 -2.60
C GLY B 62 -21.63 -8.08 -1.70
N LYS B 63 -20.29 -7.91 -1.84
CA LYS B 63 -19.48 -6.99 -1.02
C LYS B 63 -19.44 -5.51 -1.53
N GLY B 64 -20.25 -5.18 -2.55
CA GLY B 64 -20.37 -3.85 -3.14
C GLY B 64 -20.82 -2.80 -2.12
N VAL B 65 -20.44 -1.50 -2.32
CA VAL B 65 -20.81 -0.41 -1.38
C VAL B 65 -21.57 0.72 -2.06
N LEU B 66 -22.30 0.40 -3.16
CA LEU B 66 -23.09 1.35 -3.95
C LEU B 66 -24.21 2.04 -3.18
N LYS B 67 -24.75 1.37 -2.13
CA LYS B 67 -25.82 1.94 -1.29
C LYS B 67 -25.27 3.03 -0.37
N ALA B 68 -24.07 2.81 0.26
CA ALA B 68 -23.37 3.79 1.09
C ALA B 68 -22.95 4.99 0.20
N VAL B 69 -22.56 4.71 -1.07
CA VAL B 69 -22.20 5.71 -2.08
C VAL B 69 -23.44 6.55 -2.39
N GLN B 70 -24.61 5.90 -2.52
CA GLN B 70 -25.86 6.61 -2.81
C GLN B 70 -26.34 7.42 -1.60
N ALA B 71 -26.11 6.90 -0.39
CA ALA B 71 -26.44 7.57 0.87
C ALA B 71 -25.65 8.90 0.98
N VAL B 72 -24.38 8.90 0.54
CA VAL B 72 -23.52 10.08 0.53
C VAL B 72 -23.91 11.07 -0.57
N ASN B 73 -23.95 10.60 -1.84
CA ASN B 73 -24.26 11.45 -3.01
C ASN B 73 -25.64 12.10 -3.02
N GLU B 74 -26.58 11.50 -2.30
CA GLU B 74 -27.94 12.04 -2.25
C GLU B 74 -28.30 12.55 -0.86
N ASP B 75 -28.59 11.64 0.07
CA ASP B 75 -29.01 12.01 1.42
C ASP B 75 -28.08 13.00 2.10
N ILE B 76 -26.84 12.59 2.39
CA ILE B 76 -25.86 13.42 3.09
C ILE B 76 -25.50 14.71 2.33
N ALA B 77 -25.26 14.63 1.00
CA ALA B 77 -24.92 15.81 0.17
C ALA B 77 -25.99 16.91 0.26
N GLU B 78 -27.29 16.54 0.10
CA GLU B 78 -28.43 17.47 0.19
C GLU B 78 -28.54 18.09 1.60
N ALA B 79 -28.36 17.28 2.65
CA ALA B 79 -28.45 17.78 4.02
C ALA B 79 -27.26 18.65 4.53
N LEU B 80 -26.05 18.49 3.93
CA LEU B 80 -24.84 19.19 4.40
C LEU B 80 -24.30 20.24 3.46
N ILE B 81 -24.79 20.33 2.23
CA ILE B 81 -24.31 21.39 1.36
C ILE B 81 -24.72 22.73 2.02
N GLY B 82 -23.73 23.59 2.23
CA GLY B 82 -23.91 24.88 2.89
C GLY B 82 -23.51 24.86 4.36
N PHE B 83 -23.28 23.67 4.93
CA PHE B 83 -22.85 23.53 6.33
C PHE B 83 -21.38 23.96 6.45
N ASP B 84 -20.99 24.56 7.58
CA ASP B 84 -19.60 24.98 7.79
C ASP B 84 -18.75 23.76 8.24
N ALA B 85 -17.84 23.29 7.35
CA ALA B 85 -16.98 22.13 7.59
C ALA B 85 -16.02 22.30 8.77
N ALA B 86 -15.68 23.56 9.13
CA ALA B 86 -14.79 23.90 10.26
C ALA B 86 -15.46 23.61 11.61
N ASP B 87 -16.80 23.41 11.65
CA ASP B 87 -17.52 23.07 12.86
C ASP B 87 -17.70 21.58 12.92
N GLN B 88 -16.61 20.86 13.30
CA GLN B 88 -16.56 19.38 13.31
C GLN B 88 -17.66 18.75 14.16
N ILE B 89 -17.79 19.16 15.43
CA ILE B 89 -18.80 18.65 16.37
C ILE B 89 -20.24 18.82 15.83
N ALA B 90 -20.60 20.03 15.35
CA ALA B 90 -21.93 20.28 14.78
C ALA B 90 -22.20 19.42 13.53
N LEU B 91 -21.18 19.27 12.65
CA LEU B 91 -21.27 18.48 11.44
C LEU B 91 -21.54 17.02 11.78
N ASP B 92 -20.81 16.50 12.77
CA ASP B 92 -20.96 15.11 13.23
C ASP B 92 -22.30 14.86 13.89
N GLN B 93 -22.83 15.87 14.62
CA GLN B 93 -24.13 15.66 15.25
C GLN B 93 -25.24 15.82 14.21
N GLU B 94 -24.96 16.50 13.08
CA GLU B 94 -25.88 16.64 11.95
C GLU B 94 -25.96 15.29 11.21
N LEU B 95 -24.84 14.56 11.16
CA LEU B 95 -24.76 13.26 10.51
C LEU B 95 -25.51 12.21 11.31
N ILE B 96 -25.29 12.18 12.63
CA ILE B 96 -25.92 11.28 13.59
C ILE B 96 -27.46 11.47 13.55
N ALA B 97 -27.91 12.72 13.54
CA ALA B 97 -29.32 13.07 13.47
C ALA B 97 -29.97 12.71 12.13
N LEU B 98 -29.22 12.83 11.01
CA LEU B 98 -29.75 12.49 9.68
C LEU B 98 -30.00 10.98 9.60
N ASP B 99 -29.08 10.18 10.15
CA ASP B 99 -29.21 8.73 10.19
C ASP B 99 -30.34 8.33 11.14
N GLY B 100 -30.32 8.89 12.36
CA GLY B 100 -31.32 8.67 13.40
C GLY B 100 -31.43 7.28 13.98
N THR B 101 -30.34 6.47 13.92
CA THR B 101 -30.30 5.10 14.46
C THR B 101 -29.12 4.92 15.42
N PRO B 102 -29.22 4.10 16.50
CA PRO B 102 -28.09 3.98 17.45
C PRO B 102 -26.77 3.44 16.92
N ASN B 103 -26.78 2.71 15.79
CA ASN B 103 -25.57 2.10 15.25
C ASN B 103 -25.29 2.48 13.78
N LYS B 104 -25.80 3.65 13.36
CA LYS B 104 -25.65 4.24 12.03
C LYS B 104 -26.01 3.25 10.92
N SER B 105 -27.19 2.62 11.04
CA SER B 105 -27.67 1.59 10.11
C SER B 105 -28.51 2.12 8.95
N LYS B 106 -29.02 3.36 9.03
CA LYS B 106 -29.82 3.90 7.91
C LYS B 106 -28.91 4.34 6.76
N LEU B 107 -27.91 5.20 7.05
CA LEU B 107 -26.98 5.74 6.07
C LEU B 107 -25.71 4.89 5.90
N GLY B 108 -25.28 4.26 7.00
CA GLY B 108 -24.07 3.45 7.03
C GLY B 108 -22.98 4.13 7.83
N ALA B 109 -22.27 3.37 8.67
CA ALA B 109 -21.18 3.91 9.49
C ALA B 109 -20.03 4.37 8.59
N ASN B 110 -19.81 3.62 7.47
CA ASN B 110 -18.79 3.91 6.47
C ASN B 110 -19.12 5.21 5.70
N ALA B 111 -20.42 5.46 5.43
CA ALA B 111 -20.89 6.68 4.78
C ALA B 111 -20.72 7.89 5.71
N ILE B 112 -21.05 7.73 7.01
CA ILE B 112 -20.94 8.80 8.01
C ILE B 112 -19.46 9.11 8.35
N LEU B 113 -18.63 8.08 8.57
CA LEU B 113 -17.20 8.29 8.85
C LEU B 113 -16.45 8.96 7.70
N GLY B 114 -16.81 8.62 6.46
CA GLY B 114 -16.20 9.12 5.25
C GLY B 114 -16.36 10.61 5.09
N VAL B 115 -17.58 11.09 5.31
CA VAL B 115 -17.96 12.50 5.27
C VAL B 115 -17.29 13.21 6.46
N SER B 116 -17.37 12.60 7.65
CA SER B 116 -16.80 13.13 8.90
C SER B 116 -15.29 13.46 8.77
N LEU B 117 -14.49 12.52 8.23
CA LEU B 117 -13.05 12.60 8.00
C LEU B 117 -12.70 13.52 6.85
N ALA B 118 -13.41 13.39 5.72
CA ALA B 118 -13.17 14.21 4.54
C ALA B 118 -13.47 15.69 4.82
N ALA B 119 -14.47 15.98 5.65
CA ALA B 119 -14.83 17.36 6.04
C ALA B 119 -13.72 17.98 6.88
N ALA B 120 -13.11 17.20 7.80
CA ALA B 120 -11.97 17.64 8.63
C ALA B 120 -10.75 17.95 7.75
N LYS B 121 -10.51 17.10 6.75
CA LYS B 121 -9.38 17.27 5.84
C LYS B 121 -9.56 18.45 4.91
N ALA B 122 -10.79 18.69 4.44
CA ALA B 122 -11.14 19.84 3.59
C ALA B 122 -10.88 21.15 4.36
N ALA B 123 -11.34 21.21 5.62
CA ALA B 123 -11.19 22.34 6.50
C ALA B 123 -9.71 22.61 6.86
N ALA B 124 -8.94 21.54 7.16
CA ALA B 124 -7.51 21.65 7.49
C ALA B 124 -6.78 22.30 6.33
N ALA B 125 -7.04 21.83 5.11
CA ALA B 125 -6.46 22.38 3.90
C ALA B 125 -6.88 23.88 3.72
N ALA B 126 -8.15 24.25 4.04
CA ALA B 126 -8.65 25.64 3.94
C ALA B 126 -7.88 26.59 4.90
N PHE B 127 -7.61 26.13 6.15
CA PHE B 127 -6.77 26.88 7.11
C PHE B 127 -5.25 26.71 6.80
N GLY B 128 -4.88 25.92 5.78
CA GLY B 128 -3.48 25.68 5.43
C GLY B 128 -2.72 25.01 6.57
N LEU B 129 -3.41 24.09 7.30
CA LEU B 129 -2.87 23.39 8.45
C LEU B 129 -2.77 21.88 8.24
N PRO B 130 -1.72 21.21 8.77
CA PRO B 130 -1.67 19.74 8.67
C PRO B 130 -2.75 19.19 9.63
N LEU B 131 -3.39 18.10 9.21
CA LEU B 131 -4.50 17.48 9.93
C LEU B 131 -4.28 17.34 11.47
N TYR B 132 -3.11 16.87 11.96
CA TYR B 132 -2.85 16.70 13.42
C TYR B 132 -2.97 18.03 14.19
N ARG B 133 -2.50 19.12 13.58
CA ARG B 133 -2.57 20.45 14.17
C ARG B 133 -4.04 20.97 14.05
N TYR B 134 -4.67 20.81 12.87
CA TYR B 134 -6.08 21.20 12.72
C TYR B 134 -6.98 20.47 13.76
N LEU B 135 -6.74 19.15 13.99
CA LEU B 135 -7.51 18.35 14.94
C LEU B 135 -7.15 18.58 16.39
N GLY B 136 -5.85 18.71 16.69
CA GLY B 136 -5.40 18.76 18.07
C GLY B 136 -4.96 20.09 18.66
N GLY B 137 -4.86 21.11 17.82
CA GLY B 137 -4.42 22.40 18.30
C GLY B 137 -2.91 22.46 18.49
N VAL B 138 -2.45 23.53 19.18
CA VAL B 138 -1.04 23.89 19.35
C VAL B 138 -0.20 22.87 20.12
N TYR B 139 -0.82 22.00 20.94
CA TYR B 139 -0.08 21.05 21.76
C TYR B 139 0.04 19.62 21.13
N ALA B 140 -0.51 19.38 19.92
CA ALA B 140 -0.40 18.09 19.20
C ALA B 140 1.06 17.93 18.71
N HIS B 141 1.88 17.08 19.36
CA HIS B 141 3.31 16.94 19.01
C HIS B 141 3.97 15.62 19.38
N VAL B 142 3.24 14.72 20.07
CA VAL B 142 3.76 13.46 20.58
C VAL B 142 3.72 12.37 19.51
N LEU B 143 4.90 11.88 19.12
CA LEU B 143 5.03 10.78 18.15
C LEU B 143 4.83 9.48 18.89
N PRO B 144 3.99 8.57 18.34
CA PRO B 144 3.68 7.33 19.08
C PRO B 144 4.75 6.24 19.00
N VAL B 145 4.77 5.34 20.01
CA VAL B 145 5.65 4.17 20.02
C VAL B 145 4.82 3.14 19.26
N PRO B 146 5.34 2.62 18.12
CA PRO B 146 4.53 1.66 17.36
C PRO B 146 4.54 0.23 17.93
N MET B 147 3.41 -0.47 17.77
CA MET B 147 3.24 -1.88 18.12
C MET B 147 3.45 -2.59 16.82
N MET B 148 4.70 -2.96 16.55
CA MET B 148 5.06 -3.55 15.27
C MET B 148 4.89 -5.06 15.23
N ASN B 149 3.86 -5.53 14.50
CA ASN B 149 3.59 -6.95 14.34
C ASN B 149 4.68 -7.63 13.53
N ILE B 150 5.46 -8.49 14.17
CA ILE B 150 6.54 -9.20 13.51
C ILE B 150 6.30 -10.73 13.44
N MET B 151 5.31 -11.27 14.17
CA MET B 151 4.99 -12.72 14.21
C MET B 151 3.48 -12.98 14.37
N ASN B 152 2.96 -13.99 13.66
CA ASN B 152 1.53 -14.35 13.69
C ASN B 152 1.23 -15.82 14.09
N GLY B 153 -0.04 -16.09 14.37
CA GLY B 153 -0.58 -17.38 14.76
C GLY B 153 -2.09 -17.35 14.91
N GLY B 154 -2.65 -18.38 15.56
CA GLY B 154 -4.08 -18.47 15.83
C GLY B 154 -4.95 -18.92 14.67
N GLN B 155 -5.00 -18.11 13.59
CA GLN B 155 -5.81 -18.37 12.38
C GLN B 155 -5.01 -18.11 11.08
N HIS B 156 -5.73 -17.85 9.96
CA HIS B 156 -5.20 -17.54 8.63
C HIS B 156 -5.75 -16.20 8.11
N ALA B 157 -5.05 -15.56 7.15
CA ALA B 157 -5.45 -14.27 6.57
C ALA B 157 -5.04 -14.15 5.11
N THR B 161 0.90 -20.38 17.14
CA THR B 161 0.50 -21.22 18.26
C THR B 161 -0.91 -20.82 18.60
N ASP B 162 -1.25 -20.82 19.87
CA ASP B 162 -2.59 -20.47 20.27
C ASP B 162 -2.83 -18.97 20.20
N PHE B 163 -1.75 -18.22 20.24
CA PHE B 163 -1.80 -16.77 20.31
C PHE B 163 -1.59 -16.07 18.98
N GLN B 164 -2.56 -15.26 18.64
CA GLN B 164 -2.74 -14.57 17.35
C GLN B 164 -1.60 -13.61 16.89
N GLU B 165 -1.16 -12.63 17.71
CA GLU B 165 -0.14 -11.65 17.32
C GLU B 165 0.96 -11.42 18.35
N PHE B 166 2.19 -11.25 17.85
CA PHE B 166 3.40 -10.98 18.62
C PHE B 166 3.98 -9.67 18.08
N MET B 167 4.06 -8.64 18.93
CA MET B 167 4.52 -7.32 18.50
C MET B 167 5.71 -6.84 19.27
N ILE B 168 6.57 -6.08 18.60
CA ILE B 168 7.71 -5.44 19.24
C ILE B 168 7.42 -3.95 19.35
N MET B 169 8.01 -3.31 20.38
CA MET B 169 7.82 -1.90 20.65
C MET B 169 9.17 -1.21 20.89
N PRO B 170 9.63 -0.33 19.98
CA PRO B 170 10.94 0.33 20.19
C PRO B 170 10.91 1.49 21.20
N VAL B 171 10.55 1.19 22.46
CA VAL B 171 10.43 2.16 23.55
C VAL B 171 11.67 2.98 23.79
N GLY B 172 12.85 2.38 23.68
CA GLY B 172 14.11 3.06 23.96
C GLY B 172 14.59 4.07 22.95
N ALA B 173 13.96 4.13 21.76
CA ALA B 173 14.39 5.07 20.70
C ALA B 173 14.23 6.53 21.09
N GLU B 174 15.10 7.37 20.53
CA GLU B 174 15.14 8.80 20.77
C GLU B 174 14.11 9.56 19.86
N SER B 175 13.59 8.88 18.81
CA SER B 175 12.65 9.45 17.84
C SER B 175 11.83 8.35 17.17
N PHE B 176 10.76 8.72 16.46
CA PHE B 176 9.95 7.75 15.72
C PHE B 176 10.79 7.19 14.53
N ARG B 177 11.56 8.04 13.86
CA ARG B 177 12.43 7.66 12.75
C ARG B 177 13.39 6.55 13.17
N GLU B 178 14.03 6.70 14.34
CA GLU B 178 14.97 5.72 14.91
C GLU B 178 14.25 4.45 15.32
N GLY B 179 13.12 4.60 16.01
CA GLY B 179 12.29 3.48 16.43
C GLY B 179 11.76 2.63 15.28
N LEU B 180 11.41 3.29 14.17
CA LEU B 180 10.93 2.59 12.97
C LEU B 180 12.07 1.74 12.36
N ARG B 181 13.30 2.29 12.32
CA ARG B 181 14.47 1.59 11.81
C ARG B 181 14.76 0.35 12.65
N TRP B 182 14.73 0.49 13.99
CA TRP B 182 14.94 -0.60 14.94
C TRP B 182 14.00 -1.76 14.66
N GLY B 183 12.70 -1.48 14.63
CA GLY B 183 11.68 -2.49 14.37
C GLY B 183 11.85 -3.18 13.04
N ALA B 184 12.19 -2.40 11.98
CA ALA B 184 12.40 -2.89 10.60
C ALA B 184 13.61 -3.81 10.55
N GLU B 185 14.71 -3.43 11.21
CA GLU B 185 15.94 -4.21 11.31
C GLU B 185 15.65 -5.55 12.04
N ILE B 186 14.87 -5.52 13.15
CA ILE B 186 14.51 -6.72 13.92
C ILE B 186 13.54 -7.60 13.10
N TYR B 187 12.65 -7.00 12.30
CA TYR B 187 11.71 -7.75 11.46
C TYR B 187 12.50 -8.56 10.44
N HIS B 188 13.44 -7.91 9.72
CA HIS B 188 14.33 -8.52 8.72
C HIS B 188 15.25 -9.58 9.36
N MET B 189 15.77 -9.32 10.58
CA MET B 189 16.61 -10.23 11.35
C MET B 189 15.88 -11.50 11.81
N LEU B 190 14.57 -11.39 12.13
CA LEU B 190 13.73 -12.51 12.57
C LEU B 190 13.50 -13.50 11.43
N LYS B 191 13.44 -12.99 10.17
CA LYS B 191 13.29 -13.78 8.94
C LYS B 191 14.51 -14.71 8.78
N LYS B 192 15.72 -14.19 9.08
CA LYS B 192 17.01 -14.90 9.04
C LYS B 192 17.13 -15.93 10.17
N VAL B 193 16.32 -15.80 11.24
CA VAL B 193 16.30 -16.71 12.40
C VAL B 193 15.28 -17.84 12.15
N ILE B 194 14.14 -17.50 11.54
CA ILE B 194 13.08 -18.45 11.15
C ILE B 194 13.62 -19.40 10.06
N HIS B 195 14.47 -18.87 9.16
CA HIS B 195 15.14 -19.61 8.07
C HIS B 195 16.20 -20.58 8.65
N ASP B 196 16.71 -20.28 9.86
CA ASP B 196 17.69 -21.09 10.58
C ASP B 196 17.02 -21.89 11.73
N ARG B 197 15.89 -22.60 11.40
CA ARG B 197 15.06 -23.48 12.25
C ARG B 197 13.91 -24.14 11.47
N GLU B 206 -1.05 -12.48 6.86
CA GLU B 206 -0.98 -11.03 6.67
C GLU B 206 -0.34 -10.37 7.90
N GLY B 207 0.80 -9.72 7.67
CA GLY B 207 1.56 -9.02 8.70
C GLY B 207 2.90 -9.66 8.99
N GLY B 208 2.99 -10.29 10.16
CA GLY B 208 4.19 -10.97 10.63
C GLY B 208 4.27 -12.42 10.22
N PHE B 209 5.49 -13.00 10.31
CA PHE B 209 5.78 -14.38 9.93
C PHE B 209 4.97 -15.38 10.77
N ALA B 210 4.39 -16.39 10.12
CA ALA B 210 3.60 -17.38 10.85
C ALA B 210 4.04 -18.81 10.52
N PRO B 211 5.13 -19.25 11.14
CA PRO B 211 5.56 -20.66 10.98
C PRO B 211 5.04 -21.55 12.11
N SER B 212 4.53 -22.76 11.78
CA SER B 212 4.00 -23.69 12.79
C SER B 212 5.09 -24.15 13.75
N LEU B 213 4.76 -24.11 15.07
CA LEU B 213 5.67 -24.47 16.16
C LEU B 213 4.92 -25.22 17.29
N THR B 215 5.95 -25.45 20.98
CA THR B 215 6.09 -24.69 22.22
C THR B 215 5.64 -23.22 22.08
N ASN B 216 4.84 -22.74 23.06
CA ASN B 216 4.36 -21.35 23.13
C ASN B 216 5.47 -20.37 23.55
N ASP B 217 6.56 -20.87 24.18
CA ASP B 217 7.70 -20.05 24.59
C ASP B 217 8.68 -19.80 23.44
N ALA B 218 8.61 -20.65 22.39
CA ALA B 218 9.46 -20.56 21.19
C ALA B 218 9.29 -19.23 20.44
N PRO B 219 8.05 -18.72 20.14
CA PRO B 219 7.95 -17.42 19.45
C PRO B 219 8.70 -16.30 20.18
N LEU B 220 8.54 -16.24 21.52
CA LEU B 220 9.20 -15.27 22.41
C LEU B 220 10.73 -15.39 22.39
N GLN B 221 11.27 -16.63 22.46
CA GLN B 221 12.72 -16.90 22.39
C GLN B 221 13.29 -16.54 21.02
N LEU B 222 12.50 -16.76 19.94
CA LEU B 222 12.87 -16.41 18.56
C LEU B 222 12.99 -14.88 18.42
N ILE B 223 11.98 -14.16 18.96
CA ILE B 223 11.90 -12.70 18.97
C ILE B 223 13.10 -12.15 19.79
N MET B 224 13.36 -12.75 20.98
CA MET B 224 14.48 -12.40 21.87
C MET B 224 15.84 -12.60 21.20
N GLU B 225 15.93 -13.61 20.31
CA GLU B 225 17.15 -13.93 19.57
C GLU B 225 17.34 -12.85 18.49
N ALA B 226 16.28 -12.58 17.69
CA ALA B 226 16.24 -11.55 16.65
C ALA B 226 16.60 -10.16 17.20
N ILE B 227 16.16 -9.83 18.45
CA ILE B 227 16.44 -8.55 19.12
C ILE B 227 17.96 -8.38 19.35
N GLU B 228 18.60 -9.37 20.01
CA GLU B 228 20.04 -9.35 20.33
C GLU B 228 20.94 -9.54 19.10
N LYS B 229 20.47 -10.28 18.08
CA LYS B 229 21.21 -10.51 16.84
C LYS B 229 21.20 -9.27 15.93
N ALA B 230 20.17 -8.39 16.09
CA ALA B 230 20.07 -7.14 15.35
C ALA B 230 20.92 -6.06 16.02
N GLY B 231 21.35 -6.33 17.25
CA GLY B 231 22.18 -5.44 18.08
C GLY B 231 21.42 -4.66 19.13
N TYR B 232 20.22 -5.13 19.50
CA TYR B 232 19.37 -4.41 20.45
C TYR B 232 19.21 -5.12 21.80
N ARG B 233 18.88 -4.33 22.84
CA ARG B 233 18.74 -4.76 24.23
C ARG B 233 17.27 -4.85 24.68
N PRO B 234 16.77 -6.04 25.10
CA PRO B 234 15.38 -6.12 25.58
C PRO B 234 15.16 -5.32 26.86
N GLY B 235 13.92 -4.87 27.07
CA GLY B 235 13.51 -4.04 28.18
C GLY B 235 13.92 -2.60 27.97
N GLU B 236 15.26 -2.36 28.04
CA GLU B 236 15.91 -1.07 27.88
C GLU B 236 15.59 -0.37 26.55
N GLN B 237 15.58 -1.12 25.44
CA GLN B 237 15.34 -0.58 24.10
C GLN B 237 14.12 -1.17 23.44
N ILE B 238 14.00 -2.51 23.42
CA ILE B 238 12.89 -3.20 22.77
C ILE B 238 12.06 -3.94 23.80
N VAL B 239 10.73 -3.86 23.69
CA VAL B 239 9.81 -4.56 24.59
C VAL B 239 8.80 -5.32 23.75
N ILE B 240 8.19 -6.36 24.32
CA ILE B 240 7.19 -7.19 23.66
C ILE B 240 5.80 -6.74 24.09
N ALA B 241 4.87 -6.79 23.13
CA ALA B 241 3.45 -6.50 23.27
C ALA B 241 2.76 -7.70 22.63
N LEU B 242 1.72 -8.23 23.31
CA LEU B 242 1.02 -9.42 22.84
C LEU B 242 -0.45 -9.23 22.60
N ASP B 243 -0.95 -9.92 21.56
CA ASP B 243 -2.37 -10.01 21.25
C ASP B 243 -2.68 -11.51 21.09
N PRO B 244 -2.77 -12.23 22.23
CA PRO B 244 -3.11 -13.66 22.16
C PRO B 244 -4.53 -13.95 21.66
N ALA B 245 -5.45 -12.96 21.76
CA ALA B 245 -6.86 -13.02 21.36
C ALA B 245 -7.53 -14.28 21.93
N THR B 246 -7.41 -14.44 23.26
CA THR B 246 -7.91 -15.57 24.06
C THR B 246 -9.43 -15.72 23.97
N THR B 247 -10.13 -14.64 23.57
CA THR B 247 -11.57 -14.62 23.35
C THR B 247 -11.99 -15.57 22.21
N GLU B 248 -11.07 -15.85 21.25
CA GLU B 248 -11.30 -16.75 20.10
C GLU B 248 -11.18 -18.23 20.49
N ILE B 249 -10.68 -18.51 21.72
CA ILE B 249 -10.50 -19.85 22.27
C ILE B 249 -11.21 -19.98 23.65
N PHE B 250 -12.55 -19.70 23.65
CA PHE B 250 -13.38 -19.72 24.84
C PHE B 250 -14.75 -20.33 24.56
N TYR B 255 -9.97 -21.71 29.61
CA TYR B 255 -9.39 -21.38 28.30
C TYR B 255 -8.66 -22.59 27.72
N HIS B 256 -9.08 -23.03 26.53
CA HIS B 256 -8.55 -24.22 25.88
C HIS B 256 -7.33 -23.91 24.98
N LEU B 257 -6.13 -24.17 25.54
CA LEU B 257 -4.83 -23.98 24.89
C LEU B 257 -4.37 -25.34 24.32
N LYS B 258 -5.15 -25.87 23.35
CA LYS B 258 -4.98 -27.16 22.68
C LYS B 258 -3.61 -27.37 21.99
N GLU B 260 -0.78 -26.65 23.63
CA GLU B 260 -0.08 -26.92 24.89
C GLU B 260 -0.74 -28.05 25.70
N GLY B 261 -2.03 -28.32 25.45
CA GLY B 261 -2.79 -29.37 26.11
C GLY B 261 -3.65 -28.92 27.28
N ARG B 262 -3.27 -27.77 27.92
CA ARG B 262 -3.96 -27.17 29.08
C ARG B 262 -5.46 -26.84 28.79
N SER B 263 -6.28 -26.66 29.86
CA SER B 263 -7.71 -26.38 29.72
C SER B 263 -8.28 -25.40 30.74
N SER B 266 -9.58 -19.36 34.27
CA SER B 266 -9.36 -17.92 34.28
C SER B 266 -8.27 -17.51 35.24
N ALA B 267 -8.36 -17.96 36.52
CA ALA B 267 -7.39 -17.68 37.59
C ALA B 267 -6.01 -18.27 37.26
N GLU B 268 -6.00 -19.40 36.53
CA GLU B 268 -4.80 -20.12 36.08
C GLU B 268 -4.17 -19.35 34.93
N MET B 269 -5.02 -18.85 33.99
CA MET B 269 -4.63 -18.05 32.81
C MET B 269 -3.92 -16.77 33.27
N VAL B 270 -4.45 -16.13 34.33
CA VAL B 270 -3.89 -14.92 34.95
C VAL B 270 -2.49 -15.27 35.49
N ASP B 271 -2.37 -16.38 36.25
CA ASP B 271 -1.10 -16.87 36.81
C ASP B 271 -0.10 -17.30 35.72
N TYR B 272 -0.61 -17.66 34.51
CA TYR B 272 0.18 -18.04 33.35
C TYR B 272 0.88 -16.81 32.76
N TRP B 273 0.12 -15.70 32.58
CA TRP B 273 0.65 -14.43 32.07
C TRP B 273 1.68 -13.83 33.02
N VAL B 274 1.45 -13.97 34.37
CA VAL B 274 2.36 -13.51 35.46
C VAL B 274 3.75 -14.13 35.26
N ASP B 275 3.78 -15.42 34.92
CA ASP B 275 4.99 -16.21 34.66
C ASP B 275 5.76 -15.65 33.44
N LEU B 276 5.04 -15.35 32.32
CA LEU B 276 5.58 -14.80 31.07
C LEU B 276 6.31 -13.48 31.30
N VAL B 277 5.62 -12.51 31.95
CA VAL B 277 6.09 -11.17 32.31
C VAL B 277 7.40 -11.25 33.13
N ASN B 278 7.51 -12.25 34.02
CA ASN B 278 8.69 -12.48 34.86
C ASN B 278 9.93 -12.92 34.04
N ARG B 279 9.73 -13.77 33.01
CA ARG B 279 10.82 -14.28 32.15
C ARG B 279 11.16 -13.40 30.92
N TYR B 280 10.12 -12.84 30.24
CA TYR B 280 10.24 -12.02 29.02
C TYR B 280 9.81 -10.54 29.19
N PRO B 281 10.41 -9.58 28.44
CA PRO B 281 10.02 -8.16 28.60
C PRO B 281 8.67 -7.74 27.98
N ILE B 282 7.56 -8.40 28.40
CA ILE B 282 6.21 -8.07 27.99
C ILE B 282 5.78 -6.81 28.74
N ILE B 283 5.39 -5.77 27.99
CA ILE B 283 4.96 -4.45 28.49
C ILE B 283 3.43 -4.33 28.41
N SER B 284 2.83 -5.04 27.43
CA SER B 284 1.40 -4.96 27.15
C SER B 284 0.82 -6.32 26.79
N LEU B 285 -0.49 -6.50 27.09
CA LEU B 285 -1.26 -7.71 26.82
C LEU B 285 -2.65 -7.29 26.38
N GLU B 286 -3.10 -7.81 25.24
CA GLU B 286 -4.38 -7.44 24.64
C GLU B 286 -5.29 -8.64 24.53
N ASP B 287 -6.52 -8.52 25.05
CA ASP B 287 -7.52 -9.59 25.07
C ASP B 287 -6.96 -10.86 25.72
N GLY B 288 -6.23 -10.67 26.83
CA GLY B 288 -5.59 -11.71 27.63
C GLY B 288 -6.59 -12.67 28.26
N LEU B 289 -7.86 -12.23 28.32
CA LEU B 289 -9.04 -12.94 28.79
C LEU B 289 -10.21 -12.70 27.80
N ALA B 290 -11.25 -13.55 27.85
CA ALA B 290 -12.43 -13.54 26.99
C ALA B 290 -13.19 -12.21 26.86
N GLU B 291 -14.09 -12.14 25.85
CA GLU B 291 -14.98 -11.02 25.50
C GLU B 291 -15.79 -10.51 26.69
N ASP B 292 -16.32 -11.43 27.51
CA ASP B 292 -17.19 -11.11 28.65
C ASP B 292 -16.72 -11.70 30.00
N ASP B 293 -15.42 -12.00 30.14
CA ASP B 293 -14.85 -12.53 31.39
C ASP B 293 -14.45 -11.36 32.30
N TRP B 294 -15.44 -10.51 32.67
CA TRP B 294 -15.30 -9.30 33.48
C TRP B 294 -14.67 -9.51 34.85
N GLU B 295 -14.93 -10.68 35.46
CA GLU B 295 -14.42 -11.11 36.78
C GLU B 295 -12.90 -11.30 36.72
N GLY B 296 -12.45 -12.02 35.69
CA GLY B 296 -11.04 -12.30 35.43
C GLY B 296 -10.27 -11.09 34.96
N TRP B 297 -10.91 -10.26 34.08
CA TRP B 297 -10.34 -9.00 33.56
C TRP B 297 -10.00 -8.08 34.73
N ALA B 298 -10.93 -7.94 35.71
CA ALA B 298 -10.75 -7.16 36.94
C ALA B 298 -9.70 -7.78 37.87
N LEU B 299 -9.55 -9.13 37.84
CA LEU B 299 -8.57 -9.91 38.61
C LEU B 299 -7.15 -9.64 38.09
N LEU B 300 -6.98 -9.69 36.76
CA LEU B 300 -5.72 -9.43 36.06
C LEU B 300 -5.56 -7.91 35.96
N ALA B 302 -5.45 -5.94 38.70
CA ALA B 302 -5.00 -6.14 40.08
C ALA B 302 -3.76 -7.03 40.20
N LYS B 303 -3.76 -8.22 39.56
CA LYS B 303 -2.63 -9.15 39.59
C LYS B 303 -1.42 -8.67 38.76
N LEU B 304 -1.68 -8.02 37.63
CA LEU B 304 -0.62 -7.52 36.77
C LEU B 304 -0.92 -6.10 36.28
N GLY B 305 -2.17 -5.69 36.43
CA GLY B 305 -2.59 -4.36 36.00
C GLY B 305 -1.55 -3.34 36.42
N ASP B 306 -0.83 -3.60 37.48
CA ASP B 306 0.20 -2.68 37.96
C ASP B 306 1.56 -2.63 37.27
N ARG B 307 1.89 -3.68 36.54
CA ARG B 307 3.14 -3.73 35.80
C ARG B 307 3.00 -3.93 34.30
N VAL B 308 1.78 -4.11 33.85
CA VAL B 308 1.54 -4.38 32.46
C VAL B 308 0.35 -3.59 31.96
N GLN B 309 0.38 -3.26 30.68
CA GLN B 309 -0.73 -2.58 30.01
C GLN B 309 -1.71 -3.66 29.58
N LEU B 310 -2.98 -3.52 29.92
CA LEU B 310 -4.01 -4.49 29.62
C LEU B 310 -5.00 -3.83 28.68
N VAL B 311 -4.95 -4.22 27.40
CA VAL B 311 -5.72 -3.64 26.29
C VAL B 311 -7.04 -4.35 26.01
N GLY B 312 -8.14 -3.59 26.04
CA GLY B 312 -9.46 -4.08 25.71
C GLY B 312 -9.82 -3.82 24.26
N ASP B 313 -9.84 -4.90 23.43
CA ASP B 313 -10.19 -4.88 22.00
C ASP B 313 -11.60 -5.45 21.81
N ASP B 314 -11.75 -6.78 21.92
CA ASP B 314 -13.06 -7.45 21.81
C ASP B 314 -13.84 -7.25 23.12
N PHE B 315 -13.09 -6.96 24.22
CA PHE B 315 -13.61 -6.73 25.56
C PHE B 315 -14.36 -5.39 25.71
N LEU B 316 -13.94 -4.35 24.93
CA LEU B 316 -14.54 -3.00 25.00
C LEU B 316 -15.23 -2.55 23.71
N VAL B 317 -14.84 -3.14 22.54
CA VAL B 317 -15.35 -2.93 21.18
C VAL B 317 -15.58 -1.39 20.85
N THR B 318 -14.72 -0.52 21.46
CA THR B 318 -14.64 0.97 21.37
C THR B 318 -15.94 1.69 21.81
N ASN B 319 -16.86 0.97 22.48
CA ASN B 319 -18.15 1.50 22.93
C ASN B 319 -17.98 2.27 24.26
N VAL B 320 -18.40 3.57 24.27
CA VAL B 320 -18.34 4.52 25.40
C VAL B 320 -19.07 3.98 26.66
N GLN B 321 -20.28 3.41 26.44
CA GLN B 321 -21.13 2.81 27.47
C GLN B 321 -20.38 1.66 28.20
N ARG B 322 -19.75 0.74 27.43
CA ARG B 322 -18.97 -0.39 27.94
C ARG B 322 -17.62 0.06 28.52
N LEU B 323 -17.00 1.10 27.92
CA LEU B 323 -15.71 1.69 28.34
C LEU B 323 -15.84 2.31 29.75
N GLN B 324 -16.94 3.07 30.00
CA GLN B 324 -17.23 3.70 31.29
C GLN B 324 -17.46 2.67 32.41
N ARG B 325 -18.03 1.50 32.05
CA ARG B 325 -18.29 0.36 32.95
C ARG B 325 -16.98 -0.24 33.43
N ALA B 326 -16.04 -0.50 32.50
CA ALA B 326 -14.71 -1.06 32.79
C ALA B 326 -13.82 -0.05 33.52
N ILE B 327 -14.09 1.27 33.37
CA ILE B 327 -13.35 2.34 34.06
C ILE B 327 -13.59 2.24 35.58
N GLU B 328 -14.88 2.25 36.00
CA GLU B 328 -15.27 2.14 37.41
C GLU B 328 -14.90 0.77 38.00
N ALA B 329 -15.10 -0.31 37.21
CA ALA B 329 -14.78 -1.69 37.60
C ALA B 329 -13.28 -1.96 37.75
N LYS B 330 -12.42 -1.12 37.08
CA LYS B 330 -10.96 -1.24 37.03
C LYS B 330 -10.57 -2.61 36.43
N ALA B 331 -11.25 -2.95 35.31
CA ALA B 331 -11.13 -4.19 34.53
C ALA B 331 -9.97 -4.21 33.50
N ALA B 332 -9.41 -3.03 33.15
CA ALA B 332 -8.28 -2.85 32.21
C ALA B 332 -7.70 -1.45 32.41
N ASN B 333 -6.53 -1.15 31.78
CA ASN B 333 -5.93 0.18 31.86
C ASN B 333 -5.57 0.74 30.45
N SER B 334 -6.20 0.21 29.41
CA SER B 334 -5.99 0.55 28.01
C SER B 334 -7.14 0.07 27.12
N ILE B 335 -7.45 0.85 26.07
CA ILE B 335 -8.49 0.57 25.09
C ILE B 335 -7.93 0.72 23.66
N LEU B 336 -8.29 -0.20 22.80
CA LEU B 336 -7.89 -0.16 21.41
C LEU B 336 -8.98 0.64 20.70
N ILE B 337 -8.60 1.71 20.00
CA ILE B 337 -9.52 2.60 19.29
C ILE B 337 -9.63 2.26 17.80
N LYS B 338 -10.82 1.82 17.37
CA LYS B 338 -11.15 1.48 15.99
C LYS B 338 -12.15 2.48 15.46
N LEU B 339 -11.64 3.43 14.66
CA LEU B 339 -12.37 4.52 14.01
C LEU B 339 -13.64 4.04 13.32
N ASN B 340 -13.53 2.96 12.52
CA ASN B 340 -14.64 2.33 11.79
C ASN B 340 -15.76 1.76 12.70
N GLN B 341 -15.40 1.34 13.93
CA GLN B 341 -16.38 0.83 14.90
C GLN B 341 -17.16 1.96 15.52
N ILE B 342 -16.53 3.15 15.69
CA ILE B 342 -17.14 4.35 16.27
C ILE B 342 -18.07 5.09 15.25
N GLY B 343 -17.63 5.27 14.00
CA GLY B 343 -18.48 5.89 12.97
C GLY B 343 -18.37 7.37 12.69
N SER B 344 -17.80 8.15 13.62
CA SER B 344 -17.61 9.59 13.45
C SER B 344 -16.30 10.03 14.10
N LEU B 345 -15.77 11.17 13.66
CA LEU B 345 -14.52 11.74 14.19
C LEU B 345 -14.70 12.30 15.62
N THR B 346 -15.81 13.04 15.85
CA THR B 346 -16.14 13.58 17.17
C THR B 346 -16.26 12.49 18.22
N GLU B 347 -17.00 11.38 17.89
CA GLU B 347 -17.22 10.28 18.84
C GLU B 347 -15.91 9.56 19.11
N THR B 348 -15.01 9.53 18.11
CA THR B 348 -13.69 8.89 18.30
C THR B 348 -12.83 9.69 19.27
N LEU B 349 -12.77 11.02 19.12
CA LEU B 349 -11.99 11.91 19.99
C LEU B 349 -12.56 11.89 21.41
N SER B 350 -13.89 11.81 21.48
CA SER B 350 -14.62 11.72 22.74
C SER B 350 -14.17 10.46 23.49
N ALA B 351 -14.16 9.29 22.80
CA ALA B 351 -13.77 8.00 23.41
C ALA B 351 -12.31 8.01 23.83
N ILE B 352 -11.45 8.71 23.05
CA ILE B 352 -10.02 8.84 23.32
C ILE B 352 -9.79 9.64 24.60
N GLN B 353 -10.44 10.80 24.68
CA GLN B 353 -10.34 11.67 25.84
C GLN B 353 -10.84 11.01 27.13
N LEU B 354 -12.04 10.35 27.10
CA LEU B 354 -12.62 9.62 28.25
C LEU B 354 -11.62 8.62 28.82
N ALA B 355 -11.03 7.78 27.97
CA ALA B 355 -10.03 6.81 28.39
C ALA B 355 -8.79 7.51 28.98
N GLN B 356 -8.24 8.50 28.26
CA GLN B 356 -7.04 9.23 28.68
C GLN B 356 -7.19 9.95 30.00
N ARG B 357 -8.31 10.71 30.19
CA ARG B 357 -8.54 11.50 31.39
C ARG B 357 -8.89 10.63 32.61
N SER B 358 -9.15 9.32 32.39
CA SER B 358 -9.37 8.38 33.51
C SER B 358 -8.12 7.49 33.79
N GLY B 359 -6.95 7.96 33.32
CA GLY B 359 -5.65 7.30 33.53
C GLY B 359 -5.26 6.15 32.61
N TRP B 360 -6.14 5.78 31.67
CA TRP B 360 -5.92 4.71 30.69
C TRP B 360 -5.19 5.27 29.46
N THR B 361 -4.55 4.37 28.69
CA THR B 361 -3.93 4.75 27.42
C THR B 361 -4.92 4.39 26.30
N ALA B 362 -4.97 5.22 25.24
CA ALA B 362 -5.77 4.97 24.05
C ALA B 362 -4.79 4.55 22.93
N VAL B 363 -4.95 3.31 22.41
CA VAL B 363 -4.11 2.72 21.38
C VAL B 363 -4.91 2.75 20.09
N VAL B 364 -4.52 3.62 19.14
CA VAL B 364 -5.25 3.72 17.89
C VAL B 364 -4.82 2.58 16.96
N SER B 365 -5.80 1.88 16.38
CA SER B 365 -5.54 0.73 15.53
C SER B 365 -6.06 0.84 14.10
N HIS B 366 -5.44 0.06 13.21
CA HIS B 366 -5.78 -0.09 11.79
C HIS B 366 -6.97 -1.08 11.61
N ARG B 367 -7.16 -1.57 10.37
CA ARG B 367 -8.22 -2.49 9.99
C ARG B 367 -7.70 -3.41 8.86
N SER B 368 -8.42 -4.52 8.58
CA SER B 368 -8.08 -5.50 7.54
C SER B 368 -8.11 -4.89 6.12
N GLY B 369 -9.00 -3.92 5.91
CA GLY B 369 -9.16 -3.20 4.65
C GLY B 369 -8.38 -1.91 4.58
N SER B 371 -6.71 0.36 3.55
CA SER B 371 -6.63 1.28 2.42
C SER B 371 -5.38 2.20 2.45
N GLU B 372 -5.23 3.10 1.44
CA GLU B 372 -4.11 4.06 1.36
C GLU B 372 -4.28 5.28 2.30
N ASP B 373 -5.50 5.46 2.90
CA ASP B 373 -5.85 6.53 3.84
C ASP B 373 -4.93 6.47 5.06
N VAL B 374 -4.38 7.63 5.51
CA VAL B 374 -3.42 7.74 6.62
C VAL B 374 -3.92 8.61 7.78
N THR B 375 -5.23 8.81 7.90
CA THR B 375 -5.86 9.64 8.96
C THR B 375 -5.37 9.30 10.39
N ILE B 376 -5.30 7.99 10.72
CA ILE B 376 -4.92 7.51 12.05
C ILE B 376 -3.53 7.97 12.47
N ALA B 377 -2.65 8.27 11.50
CA ALA B 377 -1.31 8.78 11.79
C ALA B 377 -1.46 10.21 12.34
N ASP B 378 -2.29 11.04 11.70
CA ASP B 378 -2.56 12.41 12.16
C ASP B 378 -3.40 12.41 13.45
N LEU B 379 -4.38 11.49 13.57
CA LEU B 379 -5.22 11.33 14.75
C LEU B 379 -4.42 10.93 15.98
N VAL B 380 -3.39 10.06 15.84
CA VAL B 380 -2.58 9.64 16.99
C VAL B 380 -1.71 10.81 17.52
N VAL B 381 -1.22 11.69 16.64
CA VAL B 381 -0.42 12.85 17.04
C VAL B 381 -1.35 13.95 17.59
N ALA B 382 -2.54 14.15 16.96
CA ALA B 382 -3.52 15.17 17.34
C ALA B 382 -3.90 15.04 18.81
N THR B 383 -4.07 13.80 19.27
CA THR B 383 -4.45 13.43 20.64
C THR B 383 -3.28 13.06 21.56
N ASN B 384 -2.01 13.16 21.08
CA ASN B 384 -0.82 12.82 21.85
C ASN B 384 -0.96 11.45 22.54
N ALA B 385 -1.58 10.48 21.83
CA ALA B 385 -1.95 9.15 22.30
C ALA B 385 -0.78 8.27 22.80
N GLY B 386 0.41 8.46 22.25
CA GLY B 386 1.65 7.79 22.66
C GLY B 386 1.91 6.41 22.08
N GLN B 387 0.88 5.76 21.49
CA GLN B 387 0.97 4.42 20.91
C GLN B 387 0.05 4.26 19.71
N ILE B 388 0.53 3.47 18.74
CA ILE B 388 -0.20 3.13 17.51
C ILE B 388 0.00 1.61 17.23
N LYS B 389 -1.06 0.94 16.79
CA LYS B 389 -1.04 -0.47 16.41
C LYS B 389 -1.36 -0.46 14.93
N THR B 390 -0.32 -0.47 14.07
CA THR B 390 -0.58 -0.35 12.62
C THR B 390 0.12 -1.47 11.77
N GLY B 391 0.60 -2.53 12.42
CA GLY B 391 1.14 -3.72 11.76
C GLY B 391 2.61 -3.79 11.36
N ALA B 392 2.94 -4.84 10.62
CA ALA B 392 4.28 -5.15 10.11
C ALA B 392 4.91 -4.01 9.30
N PRO B 393 6.24 -3.81 9.39
CA PRO B 393 6.85 -2.80 8.52
C PRO B 393 7.06 -3.36 7.08
N ALA B 394 5.93 -3.62 6.34
CA ALA B 394 5.92 -4.17 4.96
C ALA B 394 4.75 -3.68 4.10
N THR B 396 2.22 -1.40 1.96
CA THR B 396 1.85 -0.02 1.63
C THR B 396 0.69 0.45 2.54
N ASP B 397 -0.33 -0.41 2.77
CA ASP B 397 -1.45 -0.16 3.68
C ASP B 397 -0.93 0.16 5.09
N ARG B 398 0.13 -0.53 5.54
CA ARG B 398 0.78 -0.34 6.86
C ARG B 398 1.91 0.67 6.78
N ILE B 399 2.74 0.59 5.73
CA ILE B 399 3.90 1.46 5.50
C ILE B 399 3.52 2.92 5.29
N ALA B 400 2.36 3.16 4.64
CA ALA B 400 1.88 4.52 4.37
C ALA B 400 1.64 5.28 5.66
N LYS B 401 1.15 4.60 6.70
CA LYS B 401 0.89 5.20 8.02
C LYS B 401 2.20 5.52 8.69
N TYR B 402 3.20 4.61 8.58
CA TYR B 402 4.54 4.83 9.12
C TYR B 402 5.21 6.01 8.44
N ASN B 403 5.02 6.15 7.11
CA ASN B 403 5.57 7.27 6.32
C ASN B 403 4.94 8.58 6.73
N GLN B 404 3.61 8.59 7.01
CA GLN B 404 2.94 9.79 7.48
C GLN B 404 3.50 10.28 8.78
N LEU B 405 3.79 9.34 9.72
CA LEU B 405 4.41 9.62 11.02
C LEU B 405 5.82 10.17 10.86
N LEU B 406 6.57 9.69 9.88
CA LEU B 406 7.89 10.25 9.56
C LEU B 406 7.76 11.71 9.09
N ARG B 407 6.74 12.01 8.23
CA ARG B 407 6.49 13.36 7.69
C ARG B 407 6.05 14.31 8.80
N ILE B 408 5.21 13.80 9.71
CA ILE B 408 4.73 14.56 10.85
C ILE B 408 5.89 14.93 11.75
N GLU B 409 6.75 13.95 12.11
CA GLU B 409 7.89 14.21 12.98
C GLU B 409 8.78 15.29 12.40
N GLU B 410 9.09 15.20 11.10
CA GLU B 410 9.94 16.14 10.38
C GLU B 410 9.34 17.54 10.39
N GLU B 411 8.03 17.63 10.12
CA GLU B 411 7.31 18.91 10.06
C GLU B 411 7.30 19.59 11.43
N LEU B 412 7.16 18.82 12.51
CA LEU B 412 7.21 19.38 13.85
C LEU B 412 8.57 19.93 14.25
N GLY B 413 9.66 19.40 13.65
CA GLY B 413 11.02 19.83 13.98
C GLY B 413 11.32 19.67 15.46
N SER B 414 11.84 20.75 16.08
CA SER B 414 12.21 20.83 17.49
C SER B 414 11.06 20.56 18.46
N ALA B 415 9.83 20.82 18.04
CA ALA B 415 8.59 20.61 18.80
C ALA B 415 8.27 19.14 18.99
N ALA B 416 8.70 18.29 18.04
CA ALA B 416 8.41 16.85 18.12
C ALA B 416 8.97 16.15 19.38
N ARG B 417 8.20 15.21 19.91
CA ARG B 417 8.62 14.40 21.03
C ARG B 417 8.12 12.98 20.85
N TYR B 418 9.04 12.00 20.82
CA TYR B 418 8.70 10.59 20.72
C TYR B 418 8.31 10.18 22.14
N ALA B 419 7.19 9.45 22.29
CA ALA B 419 6.69 9.09 23.63
C ALA B 419 7.71 8.30 24.46
N GLY B 420 8.35 7.29 23.87
CA GLY B 420 9.31 6.44 24.56
C GLY B 420 8.65 5.70 25.70
N ARG B 421 9.27 5.69 26.89
CA ARG B 421 8.71 5.04 28.10
C ARG B 421 7.52 5.85 28.64
N SER B 422 7.46 7.18 28.33
CA SER B 422 6.38 8.07 28.76
C SER B 422 5.01 7.68 28.18
N ALA B 423 4.99 6.79 27.15
CA ALA B 423 3.79 6.25 26.48
C ALA B 423 3.00 5.33 27.42
N PHE B 424 3.69 4.74 28.41
CA PHE B 424 3.13 3.76 29.34
C PHE B 424 2.82 4.29 30.72
N LYS B 425 1.65 3.84 31.23
CA LYS B 425 1.12 4.11 32.57
C LYS B 425 1.49 2.90 33.48
N VAL B 426 2.64 2.23 33.17
CA VAL B 426 3.22 1.04 33.84
C VAL B 426 2.19 -0.11 33.95
#